data_3EPO
#
_entry.id   3EPO
#
_cell.length_a   63.021
_cell.length_b   103.193
_cell.length_c   83.105
_cell.angle_alpha   90.000
_cell.angle_beta   102.170
_cell.angle_gamma   90.000
#
_symmetry.space_group_name_H-M   'P 1 21 1'
#
loop_
_entity.id
_entity.type
_entity.pdbx_description
1 polymer 'Thiamine biosynthesis protein thiC'
2 non-polymer '(4-AMINO-2-METHYLPYRIMIDIN-5-YL)METHYL DIHYDROGEN PHOSPHATE'
3 water water
#
_entity_poly.entity_id   1
_entity_poly.type   'polypeptide(L)'
_entity_poly.pdbx_seq_one_letter_code
;MNIQSTIKAVAETISTGPIPGSRKVYQAGELFPELRVPFREVAVHPSANEPPVTIYDPSGPYSDPAIQIDIEKGLPRTRE
ALVVARGDVEEVADPRQVKPEDNGFAQGKHLAPEFPDTGRKIYRAKPGKLVTQLEYARAGIITAEMEYVAIRENLRREQD
RPCVRDGEDFGASIPDFVTPEFVRQEIARGRAIIPANINHGELEPMAIGRNFLVKINANIGNSAVLSTVADEVDKLVWAT
RWGADTVMDLSTGRNIHNIRDWIIRNSSVPIGTVPIYQALEKVNGVAEDLNWEVFRDTLIEQCEQGVDYFTIHAGVRLPF
IPMTAKRVTGIVSRGGSIMAKWCLAHHKENFLYERFDEICEIMRAYDVSFSLGDGLRPGSTADANDEAQFSELRTLGELT
KVAWKHGVQVMIEGPGHVAMHKIKANMDEQLKHCHEAPFYTLGPLTTDIAPGYDHITSAIGAAMIGWFGTAMLCYVTPKE
HLGLPDRDDVKTGVITYKLAAHAADLAKGHPGAAMWDDAISRARFEFRWEDQFNLGLDPETARKFHDETLPKEAHKTAHF
CSMCGPKFCSMKISQEVRDFAAGKAPNSAELGMAEMSEKFREQGSEIYLKTE
;
_entity_poly.pdbx_strand_id   A,B
#
# COMPACT_ATOMS: atom_id res chain seq x y z
N SER A 5 -31.28 -16.09 -23.65
CA SER A 5 -31.26 -16.97 -22.48
C SER A 5 -30.01 -16.71 -21.63
N THR A 6 -28.86 -17.21 -22.10
CA THR A 6 -27.59 -16.80 -21.52
C THR A 6 -27.39 -15.34 -21.88
N ILE A 7 -27.76 -14.99 -23.12
CA ILE A 7 -27.74 -13.61 -23.58
C ILE A 7 -28.56 -12.76 -22.63
N LYS A 8 -29.78 -13.23 -22.33
CA LYS A 8 -30.68 -12.55 -21.41
C LYS A 8 -29.98 -12.22 -20.10
N ALA A 9 -29.55 -13.26 -19.39
CA ALA A 9 -28.90 -13.10 -18.09
C ALA A 9 -27.80 -12.04 -18.12
N VAL A 10 -26.79 -12.28 -18.97
CA VAL A 10 -25.64 -11.38 -19.04
C VAL A 10 -26.04 -9.92 -19.24
N ALA A 11 -26.91 -9.66 -20.21
CA ALA A 11 -27.35 -8.31 -20.50
C ALA A 11 -27.91 -7.62 -19.26
N GLU A 12 -28.47 -8.40 -18.36
CA GLU A 12 -29.12 -7.87 -17.16
C GLU A 12 -28.11 -7.60 -16.06
N THR A 13 -27.15 -8.49 -15.91
CA THR A 13 -26.16 -8.41 -14.83
C THR A 13 -25.11 -7.30 -15.03
N ILE A 14 -24.67 -7.11 -16.26
CA ILE A 14 -23.52 -6.23 -16.53
C ILE A 14 -23.77 -4.75 -16.26
N SER A 15 -22.72 -4.05 -15.84
CA SER A 15 -22.79 -2.62 -15.59
C SER A 15 -22.36 -1.79 -16.81
N THR A 16 -23.27 -0.93 -17.25
CA THR A 16 -23.06 -0.11 -18.43
C THR A 16 -23.43 1.34 -18.14
N GLY A 17 -23.07 2.24 -19.03
CA GLY A 17 -23.46 3.63 -18.89
C GLY A 17 -22.36 4.50 -18.33
N PRO A 18 -22.56 5.83 -18.38
CA PRO A 18 -21.53 6.77 -17.97
C PRO A 18 -20.97 6.43 -16.60
N ILE A 19 -19.67 6.60 -16.47
CA ILE A 19 -19.03 6.43 -15.20
C ILE A 19 -19.33 7.69 -14.37
N PRO A 20 -20.04 7.52 -13.25
CA PRO A 20 -20.61 8.61 -12.45
C PRO A 20 -19.64 9.77 -12.28
N GLY A 21 -20.07 10.97 -12.65
CA GLY A 21 -19.22 12.14 -12.57
C GLY A 21 -18.42 12.47 -13.83
N SER A 22 -18.53 11.63 -14.86
CA SER A 22 -17.72 11.82 -16.07
C SER A 22 -18.51 11.49 -17.35
N ARG A 23 -18.00 11.91 -18.50
CA ARG A 23 -18.60 11.51 -19.77
C ARG A 23 -17.57 11.02 -20.78
N LYS A 24 -17.99 10.13 -21.66
CA LYS A 24 -17.09 9.61 -22.68
C LYS A 24 -16.81 10.70 -23.71
N VAL A 25 -15.55 10.86 -24.08
CA VAL A 25 -15.18 11.78 -25.16
C VAL A 25 -14.10 11.15 -26.04
N TYR A 26 -14.00 11.66 -27.26
CA TYR A 26 -13.08 11.09 -28.24
C TYR A 26 -12.24 12.16 -28.92
N GLN A 27 -11.03 11.79 -29.30
CA GLN A 27 -10.19 12.63 -30.14
C GLN A 27 -9.99 11.85 -31.46
N ALA A 28 -10.09 12.54 -32.59
CA ALA A 28 -9.99 11.87 -33.89
C ALA A 28 -8.54 11.69 -34.32
N GLY A 29 -8.26 10.64 -35.09
CA GLY A 29 -6.94 10.45 -35.69
C GLY A 29 -6.68 11.49 -36.78
N GLU A 30 -5.41 11.71 -37.11
CA GLU A 30 -5.01 12.64 -38.18
C GLU A 30 -4.32 11.89 -39.32
N LEU A 31 -3.35 11.03 -38.98
CA LEU A 31 -2.74 10.13 -39.95
C LEU A 31 -3.81 9.21 -40.50
N PHE A 32 -4.67 8.76 -39.59
CA PHE A 32 -5.78 7.86 -39.89
C PHE A 32 -7.03 8.55 -39.39
N PRO A 33 -7.62 9.41 -40.23
CA PRO A 33 -8.70 10.31 -39.81
C PRO A 33 -9.96 9.62 -39.29
N GLU A 34 -10.07 8.31 -39.46
CA GLU A 34 -11.27 7.62 -39.02
C GLU A 34 -11.18 7.12 -37.57
N LEU A 35 -9.97 7.12 -37.02
CA LEU A 35 -9.76 6.69 -35.63
C LEU A 35 -10.51 7.58 -34.65
N ARG A 36 -11.07 6.96 -33.63
CA ARG A 36 -11.68 7.66 -32.51
C ARG A 36 -11.10 7.12 -31.21
N VAL A 37 -10.28 7.91 -30.54
CA VAL A 37 -9.56 7.48 -29.34
C VAL A 37 -10.33 7.90 -28.09
N PRO A 38 -10.69 6.94 -27.23
CA PRO A 38 -11.56 7.33 -26.11
C PRO A 38 -10.84 7.92 -24.88
N PHE A 39 -11.53 8.82 -24.18
CA PHE A 39 -11.18 9.20 -22.82
C PHE A 39 -12.48 9.37 -22.06
N ARG A 40 -12.39 9.68 -20.78
CA ARG A 40 -13.56 10.16 -20.06
C ARG A 40 -13.16 11.49 -19.44
N GLU A 41 -14.08 12.45 -19.41
CA GLU A 41 -13.77 13.76 -18.86
C GLU A 41 -14.69 14.13 -17.73
N VAL A 42 -14.12 14.78 -16.73
CA VAL A 42 -14.84 15.18 -15.53
C VAL A 42 -14.85 16.69 -15.48
N ALA A 43 -16.03 17.29 -15.59
CA ALA A 43 -16.18 18.74 -15.49
C ALA A 43 -16.34 19.14 -14.04
N VAL A 44 -15.71 20.24 -13.65
CA VAL A 44 -15.85 20.74 -12.29
C VAL A 44 -16.80 21.94 -12.20
N HIS A 45 -17.15 22.35 -10.99
CA HIS A 45 -18.09 23.46 -10.81
C HIS A 45 -17.66 24.69 -11.61
N PRO A 46 -18.62 25.31 -12.31
CA PRO A 46 -18.40 26.52 -13.10
C PRO A 46 -17.71 27.64 -12.30
N SER A 47 -17.96 27.67 -10.99
CA SER A 47 -17.33 28.69 -10.13
C SER A 47 -15.82 28.49 -9.99
N ALA A 48 -15.34 27.28 -10.30
CA ALA A 48 -13.92 26.99 -10.23
C ALA A 48 -13.14 27.62 -11.39
N ASN A 49 -13.84 27.91 -12.48
CA ASN A 49 -13.20 28.42 -13.69
C ASN A 49 -12.01 27.58 -14.11
N GLU A 50 -12.23 26.27 -14.22
CA GLU A 50 -11.20 25.33 -14.64
C GLU A 50 -11.68 24.49 -15.82
N PRO A 51 -10.76 24.09 -16.70
CA PRO A 51 -11.15 23.20 -17.81
C PRO A 51 -11.48 21.83 -17.25
N PRO A 52 -12.26 21.03 -17.99
CA PRO A 52 -12.53 19.67 -17.50
C PRO A 52 -11.23 18.88 -17.41
N VAL A 53 -11.22 17.86 -16.55
CA VAL A 53 -10.06 16.99 -16.41
C VAL A 53 -10.24 15.74 -17.27
N THR A 54 -9.28 15.48 -18.16
CA THR A 54 -9.29 14.32 -19.02
C THR A 54 -8.63 13.15 -18.31
N ILE A 55 -9.35 12.02 -18.24
CA ILE A 55 -8.87 10.80 -17.57
C ILE A 55 -8.75 9.60 -18.53
N TYR A 56 -7.66 8.85 -18.43
CA TYR A 56 -7.46 7.65 -19.25
C TYR A 56 -8.60 6.68 -18.97
N ASP A 57 -9.16 6.08 -20.01
CA ASP A 57 -10.38 5.29 -19.84
C ASP A 57 -10.42 4.01 -20.68
N PRO A 58 -10.25 2.85 -20.02
CA PRO A 58 -10.27 1.52 -20.67
C PRO A 58 -11.63 0.83 -20.63
N SER A 59 -12.70 1.55 -20.25
CA SER A 59 -14.00 0.93 -20.05
C SER A 59 -14.67 0.50 -21.37
N GLY A 60 -14.28 1.13 -22.46
CA GLY A 60 -14.82 0.76 -23.77
C GLY A 60 -16.23 1.30 -24.02
N PRO A 61 -16.89 0.76 -25.04
CA PRO A 61 -18.23 1.22 -25.42
C PRO A 61 -19.27 1.04 -24.32
N TYR A 62 -18.99 0.23 -23.29
CA TYR A 62 -19.96 0.00 -22.22
C TYR A 62 -20.32 1.29 -21.49
N SER A 63 -19.41 2.25 -21.48
CA SER A 63 -19.69 3.52 -20.81
C SER A 63 -19.92 4.63 -21.82
N ASP A 64 -20.25 4.26 -23.04
CA ASP A 64 -20.53 5.21 -24.12
C ASP A 64 -22.01 5.21 -24.52
N PRO A 65 -22.74 6.28 -24.15
CA PRO A 65 -24.18 6.32 -24.40
C PRO A 65 -24.54 6.43 -25.89
N ALA A 66 -23.55 6.73 -26.73
CA ALA A 66 -23.74 6.73 -28.18
C ALA A 66 -23.84 5.31 -28.75
N ILE A 67 -23.45 4.31 -27.95
CA ILE A 67 -23.39 2.92 -28.43
C ILE A 67 -24.37 2.03 -27.68
N GLN A 68 -25.16 1.26 -28.43
CA GLN A 68 -26.14 0.34 -27.86
C GLN A 68 -25.49 -1.04 -27.68
N ILE A 69 -25.30 -1.46 -26.44
CA ILE A 69 -24.64 -2.73 -26.19
C ILE A 69 -25.51 -3.93 -26.61
N ASP A 70 -24.88 -4.92 -27.24
CA ASP A 70 -25.58 -6.12 -27.69
C ASP A 70 -24.68 -7.37 -27.55
N ILE A 71 -24.62 -7.96 -26.36
CA ILE A 71 -23.62 -9.00 -26.12
C ILE A 71 -23.74 -10.17 -27.10
N GLU A 72 -24.91 -10.32 -27.69
CA GLU A 72 -25.16 -11.37 -28.68
C GLU A 72 -24.39 -11.14 -29.98
N LYS A 73 -24.19 -9.88 -30.34
CA LYS A 73 -23.51 -9.52 -31.58
C LYS A 73 -22.03 -9.22 -31.32
N GLY A 74 -21.68 -9.08 -30.04
CA GLY A 74 -20.35 -8.66 -29.66
C GLY A 74 -20.20 -7.15 -29.79
N LEU A 75 -19.03 -6.63 -29.42
CA LEU A 75 -18.73 -5.21 -29.55
C LEU A 75 -18.51 -4.86 -31.03
N PRO A 76 -18.69 -3.58 -31.38
CA PRO A 76 -18.36 -3.12 -32.73
C PRO A 76 -16.92 -3.49 -33.07
N ARG A 77 -16.68 -4.07 -34.24
CA ARG A 77 -15.32 -4.45 -34.66
C ARG A 77 -14.62 -3.30 -35.39
N THR A 78 -14.38 -2.23 -34.65
CA THR A 78 -13.95 -0.97 -35.25
C THR A 78 -12.51 -1.02 -35.72
N ARG A 79 -11.79 -2.07 -35.36
CA ARG A 79 -10.39 -2.15 -35.73
C ARG A 79 -10.19 -2.97 -37.03
N GLU A 80 -11.15 -3.84 -37.34
CA GLU A 80 -11.07 -4.70 -38.52
C GLU A 80 -10.66 -4.01 -39.82
N ALA A 81 -11.32 -2.90 -40.17
CA ALA A 81 -11.08 -2.23 -41.46
C ALA A 81 -9.69 -1.64 -41.58
N LEU A 82 -9.12 -1.22 -40.46
CA LEU A 82 -7.76 -0.71 -40.45
C LEU A 82 -6.77 -1.82 -40.77
N VAL A 83 -6.93 -2.97 -40.12
CA VAL A 83 -6.06 -4.12 -40.35
C VAL A 83 -6.13 -4.61 -41.80
N VAL A 84 -7.35 -4.82 -42.28
CA VAL A 84 -7.54 -5.25 -43.67
C VAL A 84 -6.94 -4.22 -44.63
N ALA A 85 -7.17 -2.94 -44.33
CA ALA A 85 -6.65 -1.85 -45.13
C ALA A 85 -5.16 -1.99 -45.43
N ARG A 86 -4.40 -2.59 -44.52
CA ARG A 86 -2.95 -2.69 -44.73
C ARG A 86 -2.57 -3.66 -45.86
N GLY A 87 -3.46 -4.59 -46.18
CA GLY A 87 -3.23 -5.50 -47.29
C GLY A 87 -2.26 -6.65 -47.01
N ASP A 88 -1.99 -6.94 -45.74
CA ASP A 88 -1.00 -7.96 -45.37
C ASP A 88 -1.60 -9.28 -44.84
N VAL A 89 -2.91 -9.31 -44.66
CA VAL A 89 -3.57 -10.51 -44.14
C VAL A 89 -4.63 -11.01 -45.13
N GLU A 90 -5.03 -12.27 -44.99
CA GLU A 90 -6.10 -12.82 -45.81
C GLU A 90 -6.97 -13.76 -44.97
N GLU A 91 -8.21 -13.99 -45.41
CA GLU A 91 -9.09 -14.90 -44.69
C GLU A 91 -8.51 -16.30 -44.62
N VAL A 92 -8.68 -16.95 -43.47
CA VAL A 92 -8.32 -18.34 -43.33
C VAL A 92 -9.38 -19.19 -44.02
N ALA A 93 -8.93 -20.10 -44.88
CA ALA A 93 -9.83 -20.92 -45.69
C ALA A 93 -10.65 -21.86 -44.81
N ASP A 94 -9.96 -22.57 -43.94
CA ASP A 94 -10.60 -23.55 -43.09
C ASP A 94 -10.26 -23.32 -41.62
N PRO A 95 -11.02 -22.43 -40.95
CA PRO A 95 -10.77 -22.04 -39.56
C PRO A 95 -11.06 -23.17 -38.60
N ARG A 96 -10.34 -23.21 -37.48
CA ARG A 96 -10.58 -24.20 -36.43
C ARG A 96 -11.96 -24.00 -35.82
N GLN A 97 -12.69 -25.09 -35.60
CA GLN A 97 -14.00 -24.99 -34.98
C GLN A 97 -14.04 -25.78 -33.68
N VAL A 98 -14.16 -25.07 -32.57
CA VAL A 98 -14.13 -25.68 -31.25
C VAL A 98 -15.45 -25.44 -30.55
N PRO A 113 -22.69 -23.26 -24.00
CA PRO A 113 -23.25 -22.00 -24.50
C PRO A 113 -22.31 -21.40 -25.54
N GLU A 114 -22.61 -21.66 -26.81
CA GLU A 114 -21.70 -21.31 -27.88
C GLU A 114 -22.02 -19.96 -28.52
N PHE A 115 -21.00 -19.13 -28.66
CA PHE A 115 -21.16 -17.79 -29.22
C PHE A 115 -21.46 -17.80 -30.72
N PRO A 116 -22.45 -17.00 -31.15
CA PRO A 116 -22.85 -16.86 -32.56
C PRO A 116 -21.85 -16.00 -33.34
N ASP A 117 -20.87 -16.64 -33.95
CA ASP A 117 -19.70 -15.96 -34.50
C ASP A 117 -19.80 -15.91 -36.02
N THR A 118 -20.98 -15.58 -36.53
CA THR A 118 -21.23 -15.67 -37.96
C THR A 118 -20.73 -14.48 -38.79
N GLY A 119 -20.67 -13.31 -38.19
CA GLY A 119 -20.29 -12.11 -38.91
C GLY A 119 -18.79 -11.85 -39.00
N ARG A 120 -18.00 -12.64 -38.28
CA ARG A 120 -16.56 -12.40 -38.20
C ARG A 120 -15.72 -13.28 -39.15
N LYS A 121 -14.98 -12.65 -40.04
CA LYS A 121 -13.99 -13.37 -40.85
C LYS A 121 -12.75 -13.59 -40.00
N ILE A 122 -12.08 -14.72 -40.22
CA ILE A 122 -10.85 -15.03 -39.51
C ILE A 122 -9.65 -14.84 -40.42
N TYR A 123 -8.63 -14.13 -39.92
CA TYR A 123 -7.50 -13.68 -40.74
C TYR A 123 -6.18 -14.32 -40.39
N ARG A 124 -5.27 -14.30 -41.34
CA ARG A 124 -3.91 -14.79 -41.15
C ARG A 124 -3.00 -14.06 -42.13
N ALA A 125 -1.79 -13.75 -41.69
CA ALA A 125 -0.80 -13.12 -42.55
C ALA A 125 -0.68 -13.85 -43.89
N LYS A 126 -0.54 -13.08 -44.98
CA LYS A 126 -0.19 -13.64 -46.29
C LYS A 126 1.28 -14.02 -46.25
N PRO A 127 1.64 -15.11 -46.94
CA PRO A 127 3.02 -15.57 -47.01
C PRO A 127 3.96 -14.45 -47.43
N GLY A 128 5.04 -14.24 -46.69
CA GLY A 128 6.07 -13.29 -47.06
C GLY A 128 5.74 -11.82 -46.83
N LYS A 129 4.71 -11.55 -46.04
CA LYS A 129 4.32 -10.18 -45.74
C LYS A 129 4.60 -9.86 -44.27
N LEU A 130 4.90 -8.59 -43.98
CA LEU A 130 5.03 -8.12 -42.60
C LEU A 130 3.63 -8.05 -41.97
N VAL A 131 3.53 -8.34 -40.67
CA VAL A 131 2.21 -8.25 -40.05
C VAL A 131 2.20 -7.72 -38.61
N THR A 132 3.32 -7.84 -37.90
CA THR A 132 3.33 -7.46 -36.49
C THR A 132 3.78 -6.03 -36.33
N GLN A 133 3.35 -5.41 -35.24
CA GLN A 133 3.75 -4.05 -34.89
C GLN A 133 5.26 -3.88 -34.88
N LEU A 134 5.97 -4.87 -34.36
CA LEU A 134 7.44 -4.81 -34.31
C LEU A 134 8.06 -4.79 -35.71
N GLU A 135 7.52 -5.60 -36.62
CA GLU A 135 8.00 -5.64 -38.00
C GLU A 135 7.70 -4.34 -38.72
N TYR A 136 6.49 -3.83 -38.54
CA TYR A 136 6.15 -2.56 -39.13
C TYR A 136 7.09 -1.48 -38.61
N ALA A 137 7.29 -1.44 -37.30
CA ALA A 137 8.12 -0.40 -36.69
C ALA A 137 9.56 -0.43 -37.21
N ARG A 138 10.16 -1.61 -37.26
N ARG A 138 10.16 -1.61 -37.26
CA ARG A 138 11.53 -1.75 -37.73
CA ARG A 138 11.54 -1.77 -37.72
C ARG A 138 11.63 -1.42 -39.22
C ARG A 138 11.65 -1.52 -39.23
N ALA A 139 10.52 -1.62 -39.92
CA ALA A 139 10.46 -1.29 -41.35
C ALA A 139 10.22 0.21 -41.54
N GLY A 140 10.13 0.96 -40.45
CA GLY A 140 9.93 2.39 -40.50
C GLY A 140 8.49 2.83 -40.73
N ILE A 141 7.55 1.90 -40.59
CA ILE A 141 6.14 2.20 -40.85
C ILE A 141 5.36 2.60 -39.59
N ILE A 142 4.63 3.70 -39.67
CA ILE A 142 3.73 4.07 -38.58
C ILE A 142 2.30 3.56 -38.83
N THR A 143 1.85 2.63 -37.99
CA THR A 143 0.53 2.01 -38.17
C THR A 143 -0.58 2.76 -37.46
N ALA A 144 -1.81 2.38 -37.76
CA ALA A 144 -2.98 2.96 -37.10
C ALA A 144 -2.93 2.77 -35.57
N GLU A 145 -2.54 1.57 -35.13
CA GLU A 145 -2.44 1.28 -33.69
C GLU A 145 -1.44 2.21 -33.01
N MET A 146 -0.34 2.53 -33.70
CA MET A 146 0.68 3.42 -33.14
C MET A 146 0.17 4.84 -32.96
N GLU A 147 -0.58 5.33 -33.93
CA GLU A 147 -1.17 6.66 -33.78
C GLU A 147 -2.16 6.65 -32.62
N TYR A 148 -3.03 5.65 -32.63
CA TYR A 148 -4.06 5.46 -31.60
C TYR A 148 -3.46 5.60 -30.22
N VAL A 149 -2.40 4.85 -29.98
CA VAL A 149 -1.74 4.80 -28.67
C VAL A 149 -1.13 6.14 -28.30
N ALA A 150 -0.50 6.78 -29.28
CA ALA A 150 0.15 8.08 -29.07
C ALA A 150 -0.87 9.12 -28.62
N ILE A 151 -2.02 9.12 -29.26
CA ILE A 151 -3.08 10.05 -28.91
C ILE A 151 -3.59 9.76 -27.50
N ARG A 152 -3.94 8.50 -27.27
CA ARG A 152 -4.38 8.03 -25.96
C ARG A 152 -3.41 8.39 -24.82
N GLU A 153 -2.12 8.25 -25.09
CA GLU A 153 -1.11 8.47 -24.07
C GLU A 153 -0.90 9.96 -23.71
N ASN A 154 -1.42 10.86 -24.53
CA ASN A 154 -1.26 12.30 -24.30
C ASN A 154 -2.37 12.95 -23.49
N LEU A 155 -3.49 12.25 -23.34
CA LEU A 155 -4.59 12.70 -22.50
C LEU A 155 -5.06 14.08 -22.91
N ARG A 156 -5.08 14.32 -24.22
CA ARG A 156 -5.54 15.57 -24.82
C ARG A 156 -4.82 16.80 -24.28
N ARG A 157 -3.54 16.65 -23.94
CA ARG A 157 -2.73 17.78 -23.51
C ARG A 157 -2.25 18.60 -24.72
N GLU A 158 -2.10 19.91 -24.54
CA GLU A 158 -1.61 20.79 -25.59
C GLU A 158 -0.12 20.55 -25.88
N GLN A 159 0.15 20.17 -27.14
CA GLN A 159 1.47 19.73 -27.57
C GLN A 159 2.57 20.78 -27.40
N ASP A 160 2.39 21.94 -28.02
CA ASP A 160 3.38 23.01 -27.92
C ASP A 160 3.18 23.81 -26.64
N ARG A 161 4.05 23.56 -25.67
CA ARG A 161 3.93 24.12 -24.33
C ARG A 161 5.20 23.80 -23.54
N PRO A 162 5.81 24.82 -22.94
CA PRO A 162 6.99 24.54 -22.12
C PRO A 162 6.64 23.52 -21.07
N CYS A 163 7.59 22.65 -20.73
CA CYS A 163 7.30 21.57 -19.80
C CYS A 163 8.45 21.38 -18.81
N VAL A 164 8.10 21.37 -17.53
CA VAL A 164 9.06 21.20 -16.45
C VAL A 164 8.66 20.02 -15.58
N ARG A 165 9.57 19.06 -15.48
CA ARG A 165 9.28 17.77 -14.90
C ARG A 165 9.80 17.69 -13.48
N ASP A 166 8.93 17.27 -12.58
CA ASP A 166 9.26 17.11 -11.17
C ASP A 166 9.08 15.64 -10.80
N GLY A 167 10.17 14.87 -10.88
CA GLY A 167 10.18 13.50 -10.44
C GLY A 167 11.54 12.86 -10.58
N GLU A 168 11.60 11.55 -10.37
CA GLU A 168 12.83 10.79 -10.57
C GLU A 168 12.46 9.51 -11.32
N ASP A 169 12.98 9.33 -12.53
CA ASP A 169 12.58 8.17 -13.34
C ASP A 169 13.72 7.20 -13.60
N PHE A 170 14.84 7.40 -12.91
CA PHE A 170 15.96 6.46 -12.93
C PHE A 170 16.49 6.16 -14.33
N GLY A 171 16.56 7.19 -15.16
CA GLY A 171 17.13 7.06 -16.48
C GLY A 171 16.15 6.66 -17.57
N ALA A 172 14.86 6.86 -17.34
CA ALA A 172 13.88 6.60 -18.39
C ALA A 172 14.01 7.61 -19.53
N SER A 173 13.21 7.42 -20.56
CA SER A 173 13.16 8.33 -21.71
C SER A 173 11.73 8.73 -21.98
N ILE A 174 11.12 9.40 -21.01
CA ILE A 174 9.73 9.86 -21.12
C ILE A 174 9.71 11.25 -21.74
N PRO A 175 8.99 11.41 -22.86
CA PRO A 175 8.99 12.68 -23.58
C PRO A 175 7.98 13.66 -22.95
N ASP A 176 8.13 14.94 -23.26
CA ASP A 176 7.18 15.94 -22.82
C ASP A 176 5.83 15.64 -23.44
N PHE A 177 5.87 15.11 -24.66
CA PHE A 177 4.67 14.83 -25.42
C PHE A 177 4.90 13.63 -26.33
N VAL A 178 3.99 12.67 -26.28
CA VAL A 178 4.12 11.47 -27.10
C VAL A 178 3.69 11.73 -28.54
N THR A 179 4.57 11.42 -29.48
CA THR A 179 4.24 11.47 -30.91
C THR A 179 4.14 10.05 -31.50
N PRO A 180 3.32 9.86 -32.55
CA PRO A 180 3.24 8.51 -33.10
C PRO A 180 4.61 7.96 -33.46
N GLU A 181 5.54 8.88 -33.74
CA GLU A 181 6.90 8.51 -34.14
C GLU A 181 7.73 7.98 -32.97
N PHE A 182 7.56 8.59 -31.80
CA PHE A 182 8.24 8.11 -30.61
C PHE A 182 7.77 6.70 -30.31
N VAL A 183 6.46 6.47 -30.42
CA VAL A 183 5.90 5.13 -30.28
C VAL A 183 6.58 4.14 -31.23
N ARG A 184 6.69 4.50 -32.50
CA ARG A 184 7.32 3.61 -33.47
C ARG A 184 8.75 3.29 -33.05
N GLN A 185 9.47 4.29 -32.55
CA GLN A 185 10.84 4.06 -32.10
C GLN A 185 10.91 3.11 -30.89
N GLU A 186 10.06 3.33 -29.89
CA GLU A 186 10.01 2.45 -28.71
C GLU A 186 9.75 1.00 -29.13
N ILE A 187 8.75 0.80 -29.97
CA ILE A 187 8.47 -0.56 -30.43
C ILE A 187 9.67 -1.17 -31.15
N ALA A 188 10.25 -0.42 -32.09
CA ALA A 188 11.33 -0.95 -32.92
C ALA A 188 12.56 -1.41 -32.11
N ARG A 189 12.86 -0.71 -31.01
CA ARG A 189 14.00 -1.12 -30.18
C ARG A 189 13.60 -2.17 -29.14
N GLY A 190 12.33 -2.51 -29.09
CA GLY A 190 11.84 -3.56 -28.21
C GLY A 190 11.53 -3.11 -26.80
N ARG A 191 11.39 -1.80 -26.60
CA ARG A 191 11.21 -1.24 -25.27
C ARG A 191 9.73 -0.91 -24.98
N ALA A 192 8.85 -1.29 -25.90
CA ALA A 192 7.42 -1.17 -25.67
C ALA A 192 6.71 -2.11 -26.62
N ILE A 193 5.47 -2.47 -26.29
CA ILE A 193 4.67 -3.32 -27.17
C ILE A 193 3.20 -2.89 -27.27
N ILE A 194 2.55 -3.27 -28.35
CA ILE A 194 1.12 -3.06 -28.53
C ILE A 194 0.50 -4.43 -28.81
N PRO A 195 0.00 -5.08 -27.75
CA PRO A 195 -0.62 -6.40 -27.95
C PRO A 195 -1.88 -6.28 -28.80
N ALA A 196 -1.85 -6.77 -30.04
CA ALA A 196 -2.91 -6.51 -31.00
C ALA A 196 -3.08 -7.60 -32.07
N ASN A 197 -3.69 -8.71 -31.69
CA ASN A 197 -3.97 -9.83 -32.59
C ASN A 197 -4.90 -9.32 -33.69
N ILE A 198 -4.55 -9.61 -34.95
CA ILE A 198 -5.35 -9.18 -36.10
C ILE A 198 -6.79 -9.69 -36.02
N ASN A 199 -7.01 -10.75 -35.25
CA ASN A 199 -8.36 -11.29 -35.07
C ASN A 199 -9.09 -10.77 -33.82
N HIS A 200 -8.54 -9.76 -33.18
CA HIS A 200 -9.28 -9.11 -32.12
C HIS A 200 -9.72 -7.75 -32.62
N GLY A 201 -10.75 -7.79 -33.47
CA GLY A 201 -11.20 -6.59 -34.17
C GLY A 201 -11.89 -5.57 -33.27
N GLU A 202 -12.22 -5.97 -32.05
CA GLU A 202 -12.97 -5.11 -31.13
C GLU A 202 -12.04 -4.29 -30.24
N LEU A 203 -10.75 -4.55 -30.35
CA LEU A 203 -9.75 -3.97 -29.46
C LEU A 203 -9.60 -2.46 -29.62
N GLU A 204 -9.62 -1.74 -28.52
CA GLU A 204 -9.15 -0.36 -28.50
C GLU A 204 -7.68 -0.39 -28.10
N PRO A 205 -6.77 -0.14 -29.06
CA PRO A 205 -5.33 -0.33 -28.81
C PRO A 205 -4.72 0.43 -27.61
N MET A 206 -3.80 -0.24 -26.93
CA MET A 206 -3.07 0.35 -25.82
C MET A 206 -1.60 -0.07 -25.92
N ALA A 207 -0.73 0.68 -25.27
CA ALA A 207 0.70 0.37 -25.28
C ALA A 207 1.21 0.02 -23.89
N ILE A 208 2.26 -0.79 -23.86
CA ILE A 208 2.93 -1.16 -22.61
C ILE A 208 4.42 -0.85 -22.69
N GLY A 209 4.91 0.01 -21.82
CA GLY A 209 6.34 0.23 -21.77
C GLY A 209 6.73 1.23 -20.69
N ARG A 210 7.98 1.15 -20.26
CA ARG A 210 8.48 2.00 -19.19
C ARG A 210 8.26 3.48 -19.47
N ASN A 211 8.28 3.86 -20.74
CA ASN A 211 8.18 5.26 -21.10
C ASN A 211 6.75 5.73 -21.37
N PHE A 212 5.78 4.90 -21.02
CA PHE A 212 4.37 5.28 -21.07
C PHE A 212 3.73 5.19 -19.67
N LEU A 213 2.43 5.45 -19.58
CA LEU A 213 1.73 5.32 -18.31
C LEU A 213 1.82 3.89 -17.81
N VAL A 214 2.00 3.70 -16.51
CA VAL A 214 2.03 2.35 -15.97
C VAL A 214 0.67 1.69 -16.13
N LYS A 215 0.65 0.49 -16.71
CA LYS A 215 -0.60 -0.20 -16.98
C LYS A 215 -0.86 -1.23 -15.88
N ILE A 216 -2.12 -1.64 -15.74
CA ILE A 216 -2.45 -2.70 -14.79
C ILE A 216 -3.27 -3.80 -15.46
N ASN A 217 -3.22 -5.01 -14.90
CA ASN A 217 -3.93 -6.16 -15.44
C ASN A 217 -4.87 -6.78 -14.41
N ALA A 218 -6.02 -7.23 -14.84
CA ALA A 218 -6.97 -7.91 -13.95
C ALA A 218 -7.20 -9.34 -14.43
N ASN A 219 -7.20 -10.29 -13.49
CA ASN A 219 -7.41 -11.70 -13.81
C ASN A 219 -8.85 -12.12 -13.57
N ILE A 220 -9.45 -12.78 -14.56
CA ILE A 220 -10.76 -13.38 -14.38
C ILE A 220 -10.69 -14.87 -14.71
N GLY A 221 -11.83 -15.53 -14.70
CA GLY A 221 -11.87 -16.95 -14.99
C GLY A 221 -11.74 -17.78 -13.72
N ASN A 222 -12.43 -18.93 -13.72
CA ASN A 222 -12.40 -19.85 -12.58
C ASN A 222 -11.53 -21.07 -12.89
N THR A 228 -19.35 -19.70 -14.87
CA THR A 228 -20.24 -19.63 -16.02
C THR A 228 -20.00 -18.36 -16.85
N VAL A 229 -20.80 -18.19 -17.90
CA VAL A 229 -20.63 -17.07 -18.82
C VAL A 229 -20.95 -15.74 -18.17
N ALA A 230 -22.22 -15.53 -17.85
CA ALA A 230 -22.68 -14.26 -17.29
C ALA A 230 -21.74 -13.81 -16.18
N ASP A 231 -21.30 -14.78 -15.38
CA ASP A 231 -20.37 -14.54 -14.29
C ASP A 231 -19.08 -13.89 -14.81
N GLU A 232 -18.51 -14.47 -15.86
CA GLU A 232 -17.24 -14.04 -16.43
C GLU A 232 -17.32 -12.74 -17.22
N VAL A 233 -18.31 -12.63 -18.11
CA VAL A 233 -18.49 -11.40 -18.85
C VAL A 233 -18.72 -10.21 -17.91
N ASP A 234 -19.50 -10.42 -16.86
CA ASP A 234 -19.72 -9.37 -15.87
C ASP A 234 -18.39 -8.90 -15.27
N LYS A 235 -17.52 -9.86 -14.92
CA LYS A 235 -16.24 -9.50 -14.33
C LYS A 235 -15.36 -8.79 -15.34
N LEU A 236 -15.47 -9.18 -16.60
CA LEU A 236 -14.77 -8.49 -17.66
C LEU A 236 -15.16 -7.00 -17.71
N VAL A 237 -16.45 -6.75 -17.90
CA VAL A 237 -16.96 -5.38 -17.99
C VAL A 237 -16.70 -4.59 -16.71
N TRP A 238 -16.86 -5.27 -15.57
CA TRP A 238 -16.74 -4.63 -14.26
C TRP A 238 -15.28 -4.20 -14.02
N ALA A 239 -14.34 -5.11 -14.27
CA ALA A 239 -12.90 -4.81 -14.11
C ALA A 239 -12.40 -3.66 -14.99
N THR A 240 -12.78 -3.67 -16.26
CA THR A 240 -12.37 -2.59 -17.16
C THR A 240 -13.09 -1.30 -16.82
N ARG A 241 -14.32 -1.44 -16.30
CA ARG A 241 -15.08 -0.26 -15.88
C ARG A 241 -14.31 0.58 -14.87
N TRP A 242 -13.57 -0.08 -14.00
CA TRP A 242 -12.88 0.60 -12.89
C TRP A 242 -11.42 0.92 -13.20
N GLY A 243 -10.98 0.51 -14.39
CA GLY A 243 -9.68 0.92 -14.92
C GLY A 243 -8.69 -0.14 -15.35
N ALA A 244 -9.09 -1.41 -15.37
CA ALA A 244 -8.17 -2.47 -15.81
C ALA A 244 -7.78 -2.27 -17.29
N ASP A 245 -6.48 -2.12 -17.55
CA ASP A 245 -5.95 -1.93 -18.90
C ASP A 245 -5.95 -3.20 -19.77
N THR A 246 -5.61 -4.36 -19.19
CA THR A 246 -5.75 -5.64 -19.88
C THR A 246 -6.44 -6.64 -18.96
N VAL A 247 -6.84 -7.77 -19.52
CA VAL A 247 -7.43 -8.84 -18.71
C VAL A 247 -6.89 -10.19 -19.13
N MET A 248 -6.58 -11.04 -18.15
CA MET A 248 -6.14 -12.41 -18.45
C MET A 248 -7.24 -13.39 -18.12
N ASP A 249 -7.54 -14.28 -19.06
CA ASP A 249 -8.49 -15.35 -18.79
C ASP A 249 -7.72 -16.54 -18.28
N LEU A 250 -7.85 -16.83 -16.98
CA LEU A 250 -7.08 -17.89 -16.37
C LEU A 250 -7.93 -19.12 -16.07
N SER A 251 -9.04 -19.26 -16.78
CA SER A 251 -9.93 -20.40 -16.62
C SER A 251 -9.24 -21.73 -16.83
N THR A 252 -9.63 -22.71 -16.03
CA THR A 252 -9.18 -24.08 -16.21
C THR A 252 -10.42 -24.95 -16.31
N GLY A 253 -10.25 -26.18 -16.80
CA GLY A 253 -11.38 -27.10 -16.87
C GLY A 253 -12.05 -27.14 -18.23
N ARG A 254 -13.32 -27.52 -18.24
CA ARG A 254 -14.03 -27.79 -19.49
C ARG A 254 -14.66 -26.54 -20.08
N ASN A 255 -14.77 -26.52 -21.41
CA ASN A 255 -15.44 -25.43 -22.10
C ASN A 255 -14.73 -24.08 -22.01
N ILE A 256 -13.47 -24.08 -21.60
CA ILE A 256 -12.77 -22.79 -21.48
C ILE A 256 -12.68 -22.04 -22.82
N HIS A 257 -12.51 -22.78 -23.92
CA HIS A 257 -12.41 -22.12 -25.21
C HIS A 257 -13.70 -21.40 -25.56
N ASN A 258 -14.82 -22.09 -25.41
CA ASN A 258 -16.11 -21.51 -25.76
C ASN A 258 -16.53 -20.37 -24.84
N ILE A 259 -16.10 -20.44 -23.59
CA ILE A 259 -16.34 -19.34 -22.67
C ILE A 259 -15.53 -18.12 -23.11
N ARG A 260 -14.30 -18.36 -23.54
CA ARG A 260 -13.42 -17.27 -23.94
C ARG A 260 -13.93 -16.52 -25.18
N ASP A 261 -14.67 -17.22 -26.03
CA ASP A 261 -15.38 -16.57 -27.12
C ASP A 261 -16.21 -15.42 -26.60
N TRP A 262 -17.00 -15.69 -25.57
CA TRP A 262 -17.91 -14.70 -25.02
C TRP A 262 -17.14 -13.53 -24.44
N ILE A 263 -15.95 -13.81 -23.94
CA ILE A 263 -15.10 -12.77 -23.34
C ILE A 263 -14.42 -11.87 -24.40
N ILE A 264 -13.69 -12.49 -25.32
CA ILE A 264 -12.96 -11.76 -26.35
C ILE A 264 -13.87 -10.92 -27.28
N ARG A 265 -14.96 -11.52 -27.77
CA ARG A 265 -15.86 -10.80 -28.69
C ARG A 265 -16.48 -9.60 -28.00
N ASN A 266 -16.44 -9.59 -26.67
CA ASN A 266 -17.05 -8.53 -25.87
C ASN A 266 -16.02 -7.70 -25.09
N SER A 267 -14.77 -7.76 -25.51
CA SER A 267 -13.72 -7.04 -24.82
C SER A 267 -13.07 -5.99 -25.71
N SER A 268 -13.00 -4.76 -25.22
CA SER A 268 -12.30 -3.69 -25.91
C SER A 268 -10.85 -3.57 -25.41
N VAL A 269 -10.48 -4.37 -24.41
CA VAL A 269 -9.09 -4.39 -23.93
C VAL A 269 -8.37 -5.65 -24.37
N PRO A 270 -7.03 -5.62 -24.38
CA PRO A 270 -6.32 -6.83 -24.79
C PRO A 270 -6.60 -8.01 -23.84
N ILE A 271 -6.68 -9.21 -24.39
CA ILE A 271 -6.91 -10.43 -23.62
C ILE A 271 -5.67 -11.33 -23.65
N GLY A 272 -5.21 -11.76 -22.47
CA GLY A 272 -4.08 -12.66 -22.37
C GLY A 272 -4.55 -14.03 -21.90
N THR A 273 -3.77 -15.06 -22.19
CA THR A 273 -4.01 -16.39 -21.62
C THR A 273 -2.70 -17.09 -21.31
N VAL A 274 -2.79 -18.20 -20.59
CA VAL A 274 -1.69 -19.14 -20.44
C VAL A 274 -2.13 -20.39 -21.23
N PRO A 275 -1.64 -20.52 -22.48
CA PRO A 275 -2.15 -21.57 -23.38
C PRO A 275 -1.98 -22.98 -22.82
N ILE A 276 -1.02 -23.19 -21.94
CA ILE A 276 -0.80 -24.51 -21.34
C ILE A 276 -2.03 -25.00 -20.55
N TYR A 277 -2.82 -24.09 -19.97
CA TYR A 277 -4.04 -24.50 -19.26
C TYR A 277 -5.00 -25.23 -20.21
N GLN A 278 -5.14 -24.73 -21.42
CA GLN A 278 -6.05 -25.34 -22.39
C GLN A 278 -5.43 -26.60 -22.99
N ALA A 279 -4.11 -26.59 -23.19
CA ALA A 279 -3.45 -27.76 -23.73
C ALA A 279 -3.64 -28.94 -22.77
N LEU A 280 -3.65 -28.64 -21.48
CA LEU A 280 -3.71 -29.62 -20.40
C LEU A 280 -5.08 -30.29 -20.25
N GLU A 281 -6.14 -29.56 -20.61
CA GLU A 281 -7.49 -30.11 -20.61
C GLU A 281 -7.71 -31.04 -21.80
N LYS A 282 -6.94 -30.82 -22.85
CA LYS A 282 -6.95 -31.73 -24.01
C LYS A 282 -6.41 -33.11 -23.65
N VAL A 283 -5.55 -33.18 -22.64
CA VAL A 283 -4.96 -34.44 -22.19
C VAL A 283 -5.48 -34.81 -20.80
N ASN A 284 -6.67 -34.33 -20.48
CA ASN A 284 -7.40 -34.73 -19.28
C ASN A 284 -6.68 -34.49 -17.95
N GLY A 285 -6.04 -33.33 -17.83
CA GLY A 285 -5.44 -32.93 -16.58
C GLY A 285 -4.11 -33.59 -16.26
N VAL A 286 -3.61 -34.43 -17.16
CA VAL A 286 -2.34 -35.12 -16.92
C VAL A 286 -1.15 -34.33 -17.46
N ALA A 287 -0.49 -33.58 -16.59
CA ALA A 287 0.68 -32.80 -17.00
C ALA A 287 1.67 -33.66 -17.78
N GLU A 288 1.79 -34.92 -17.40
CA GLU A 288 2.72 -35.83 -18.06
C GLU A 288 2.29 -36.20 -19.47
N ASP A 289 1.00 -36.11 -19.76
CA ASP A 289 0.51 -36.46 -21.09
C ASP A 289 0.54 -35.26 -22.05
N LEU A 290 1.07 -34.14 -21.58
CA LEU A 290 1.29 -33.01 -22.47
C LEU A 290 2.30 -33.40 -23.55
N ASN A 291 2.14 -32.80 -24.72
CA ASN A 291 3.09 -32.97 -25.80
C ASN A 291 3.04 -31.76 -26.68
N TRP A 292 3.95 -31.68 -27.64
CA TRP A 292 4.01 -30.55 -28.56
C TRP A 292 2.76 -30.46 -29.43
N GLU A 293 2.30 -31.60 -29.93
CA GLU A 293 1.18 -31.62 -30.85
C GLU A 293 -0.07 -30.95 -30.30
N VAL A 294 -0.42 -31.23 -29.05
CA VAL A 294 -1.64 -30.66 -28.46
C VAL A 294 -1.45 -29.19 -28.06
N PHE A 295 -0.21 -28.77 -27.83
CA PHE A 295 0.06 -27.39 -27.49
C PHE A 295 0.03 -26.55 -28.76
N ARG A 296 0.72 -27.05 -29.79
CA ARG A 296 0.68 -26.47 -31.14
C ARG A 296 -0.75 -26.15 -31.54
N ASP A 297 -1.64 -27.14 -31.46
CA ASP A 297 -3.03 -26.96 -31.88
C ASP A 297 -3.74 -25.89 -31.07
N THR A 298 -3.53 -25.93 -29.75
CA THR A 298 -4.08 -24.92 -28.85
C THR A 298 -3.68 -23.51 -29.25
N LEU A 299 -2.42 -23.32 -29.63
CA LEU A 299 -1.89 -21.99 -29.97
C LEU A 299 -2.69 -21.43 -31.12
N ILE A 300 -2.89 -22.28 -32.13
CA ILE A 300 -3.58 -21.89 -33.36
C ILE A 300 -5.04 -21.56 -33.09
N GLU A 301 -5.70 -22.39 -32.26
CA GLU A 301 -7.08 -22.10 -31.86
C GLU A 301 -7.20 -20.73 -31.22
N GLN A 302 -6.30 -20.41 -30.30
CA GLN A 302 -6.34 -19.12 -29.60
C GLN A 302 -5.92 -17.96 -30.51
N CYS A 303 -5.04 -18.22 -31.47
CA CYS A 303 -4.62 -17.19 -32.42
C CYS A 303 -5.80 -16.73 -33.26
N GLU A 304 -6.57 -17.68 -33.78
CA GLU A 304 -7.74 -17.39 -34.59
C GLU A 304 -8.86 -16.77 -33.78
N GLN A 305 -8.92 -17.10 -32.50
CA GLN A 305 -9.94 -16.53 -31.63
C GLN A 305 -9.71 -15.04 -31.36
N GLY A 306 -8.45 -14.62 -31.35
CA GLY A 306 -8.13 -13.23 -31.12
C GLY A 306 -7.33 -12.91 -29.88
N VAL A 307 -6.87 -13.93 -29.16
CA VAL A 307 -6.05 -13.71 -27.97
C VAL A 307 -4.84 -12.84 -28.31
N ASP A 308 -4.58 -11.83 -27.49
CA ASP A 308 -3.56 -10.83 -27.82
C ASP A 308 -2.18 -11.15 -27.25
N TYR A 309 -2.13 -11.86 -26.13
CA TYR A 309 -0.84 -12.34 -25.64
C TYR A 309 -0.85 -13.67 -24.90
N PHE A 310 0.27 -14.37 -25.01
CA PHE A 310 0.42 -15.71 -24.48
C PHE A 310 1.46 -15.70 -23.38
N THR A 311 1.07 -16.01 -22.15
CA THR A 311 2.07 -16.32 -21.13
C THR A 311 2.61 -17.72 -21.38
N ILE A 312 3.92 -17.81 -21.57
CA ILE A 312 4.55 -19.08 -21.90
C ILE A 312 5.81 -19.31 -21.06
N HIS A 313 5.78 -20.35 -20.24
CA HIS A 313 6.83 -20.62 -19.27
C HIS A 313 8.01 -21.40 -19.86
N ALA A 314 8.62 -20.85 -20.91
CA ALA A 314 9.71 -21.55 -21.59
C ALA A 314 11.02 -21.38 -20.82
N GLY A 315 10.97 -20.64 -19.73
CA GLY A 315 12.16 -20.39 -18.92
C GLY A 315 12.41 -21.43 -17.85
N VAL A 316 11.42 -22.26 -17.58
CA VAL A 316 11.58 -23.35 -16.62
C VAL A 316 12.37 -24.48 -17.26
N ARG A 317 13.69 -24.42 -17.16
CA ARG A 317 14.53 -25.45 -17.76
C ARG A 317 14.85 -26.57 -16.76
N LEU A 318 15.01 -27.78 -17.29
CA LEU A 318 15.25 -28.98 -16.50
C LEU A 318 16.27 -28.79 -15.38
N PRO A 319 17.51 -28.36 -15.73
CA PRO A 319 18.55 -28.16 -14.72
C PRO A 319 18.22 -27.10 -13.65
N PHE A 320 17.15 -26.32 -13.84
CA PHE A 320 16.78 -25.29 -12.88
C PHE A 320 15.92 -25.85 -11.75
N ILE A 321 15.21 -26.94 -12.05
CA ILE A 321 14.24 -27.46 -11.09
C ILE A 321 14.82 -27.80 -9.71
N PRO A 322 16.01 -28.43 -9.68
CA PRO A 322 16.53 -28.77 -8.35
C PRO A 322 16.88 -27.52 -7.54
N MET A 323 17.04 -26.38 -8.20
CA MET A 323 17.34 -25.14 -7.49
C MET A 323 16.18 -24.75 -6.60
N THR A 324 15.00 -25.29 -6.90
CA THR A 324 13.80 -24.92 -6.16
C THR A 324 13.54 -25.78 -4.93
N ALA A 325 14.28 -26.87 -4.80
CA ALA A 325 14.10 -27.78 -3.67
C ALA A 325 14.48 -27.15 -2.34
N LYS A 326 15.54 -26.34 -2.37
CA LYS A 326 16.04 -25.66 -1.17
C LYS A 326 15.24 -24.42 -0.77
N ARG A 327 14.19 -24.11 -1.53
CA ARG A 327 13.34 -22.97 -1.23
C ARG A 327 12.41 -23.23 -0.05
N VAL A 328 11.82 -22.16 0.46
CA VAL A 328 10.84 -22.28 1.54
C VAL A 328 9.48 -22.65 0.98
N THR A 329 9.11 -22.07 -0.16
CA THR A 329 7.79 -22.35 -0.74
C THR A 329 7.80 -22.98 -2.15
N GLY A 330 8.99 -23.37 -2.61
CA GLY A 330 9.14 -24.08 -3.88
C GLY A 330 8.69 -23.34 -5.13
N ILE A 331 7.93 -24.04 -5.98
CA ILE A 331 7.37 -23.48 -7.22
C ILE A 331 5.89 -23.18 -7.01
N VAL A 332 5.53 -21.90 -7.14
CA VAL A 332 4.18 -21.42 -6.82
C VAL A 332 3.39 -21.04 -8.06
N SER A 333 4.07 -20.98 -9.21
CA SER A 333 3.42 -20.74 -10.48
C SER A 333 2.69 -21.98 -10.94
N ARG A 334 1.41 -21.86 -11.28
CA ARG A 334 0.64 -23.00 -11.76
C ARG A 334 1.23 -23.52 -13.06
N GLY A 335 1.48 -22.61 -14.00
CA GLY A 335 2.07 -22.98 -15.28
C GLY A 335 3.49 -23.51 -15.15
N GLY A 336 4.29 -22.92 -14.26
CA GLY A 336 5.65 -23.40 -14.04
C GLY A 336 5.65 -24.76 -13.35
N SER A 337 4.62 -25.00 -12.52
CA SER A 337 4.46 -26.30 -11.87
C SER A 337 4.11 -27.37 -12.90
N ILE A 338 3.20 -27.05 -13.82
CA ILE A 338 2.83 -28.00 -14.88
C ILE A 338 4.03 -28.39 -15.74
N MET A 339 4.85 -27.40 -16.10
CA MET A 339 6.02 -27.69 -16.92
C MET A 339 7.07 -28.49 -16.13
N ALA A 340 7.27 -28.11 -14.88
CA ALA A 340 8.17 -28.83 -13.99
C ALA A 340 7.80 -30.31 -13.99
N LYS A 341 6.53 -30.59 -13.72
CA LYS A 341 6.03 -31.95 -13.73
C LYS A 341 6.45 -32.66 -14.99
N TRP A 342 6.15 -32.04 -16.13
CA TRP A 342 6.41 -32.65 -17.43
C TRP A 342 7.90 -33.00 -17.59
N CYS A 343 8.77 -32.05 -17.24
CA CYS A 343 10.21 -32.24 -17.40
C CYS A 343 10.76 -33.40 -16.56
N LEU A 344 10.28 -33.52 -15.33
CA LEU A 344 10.75 -34.56 -14.42
C LEU A 344 10.26 -35.93 -14.86
N ALA A 345 9.04 -35.98 -15.40
CA ALA A 345 8.43 -37.24 -15.80
C ALA A 345 9.08 -37.85 -17.04
N HIS A 346 9.45 -37.01 -18.00
CA HIS A 346 10.03 -37.47 -19.25
C HIS A 346 11.55 -37.36 -19.23
N HIS A 347 12.06 -36.69 -18.20
CA HIS A 347 13.50 -36.46 -18.09
C HIS A 347 14.01 -35.82 -19.37
N LYS A 348 13.32 -34.77 -19.79
CA LYS A 348 13.67 -34.02 -21.01
C LYS A 348 13.56 -32.52 -20.77
N GLU A 349 14.32 -31.75 -21.57
CA GLU A 349 14.23 -30.30 -21.56
C GLU A 349 12.83 -29.84 -21.89
N ASN A 350 12.42 -28.77 -21.22
CA ASN A 350 11.14 -28.12 -21.45
C ASN A 350 10.89 -27.97 -22.95
N PHE A 351 9.85 -28.61 -23.48
CA PHE A 351 9.60 -28.54 -24.93
C PHE A 351 9.19 -27.15 -25.42
N LEU A 352 8.73 -26.29 -24.52
CA LEU A 352 8.49 -24.89 -24.87
C LEU A 352 9.83 -24.25 -25.19
N TYR A 353 10.83 -24.59 -24.41
CA TYR A 353 12.17 -24.08 -24.69
C TYR A 353 12.76 -24.71 -25.97
N GLU A 354 12.57 -26.02 -26.12
CA GLU A 354 13.13 -26.75 -27.26
C GLU A 354 12.50 -26.35 -28.60
N ARG A 355 11.21 -26.07 -28.58
CA ARG A 355 10.49 -25.75 -29.81
C ARG A 355 10.10 -24.28 -29.92
N PHE A 356 10.87 -23.42 -29.24
CA PHE A 356 10.54 -22.01 -29.13
C PHE A 356 10.45 -21.30 -30.51
N ASP A 357 11.35 -21.67 -31.41
CA ASP A 357 11.33 -21.17 -32.79
C ASP A 357 10.00 -21.43 -33.50
N GLU A 358 9.46 -22.63 -33.36
CA GLU A 358 8.22 -22.95 -34.06
C GLU A 358 7.08 -22.24 -33.38
N ILE A 359 7.26 -21.92 -32.10
CA ILE A 359 6.27 -21.14 -31.37
C ILE A 359 6.20 -19.72 -31.95
N CYS A 360 7.36 -19.11 -32.20
CA CYS A 360 7.41 -17.76 -32.77
C CYS A 360 6.81 -17.74 -34.17
N GLU A 361 7.02 -18.80 -34.93
CA GLU A 361 6.53 -18.86 -36.30
C GLU A 361 5.02 -18.88 -36.36
N ILE A 362 4.40 -19.42 -35.32
CA ILE A 362 2.95 -19.42 -35.23
C ILE A 362 2.44 -18.03 -34.83
N MET A 363 2.99 -17.50 -33.73
CA MET A 363 2.53 -16.22 -33.17
C MET A 363 2.70 -15.05 -34.15
N ARG A 364 3.79 -15.04 -34.90
CA ARG A 364 4.08 -13.94 -35.79
C ARG A 364 3.04 -13.85 -36.91
N ALA A 365 2.35 -14.95 -37.19
CA ALA A 365 1.36 -14.98 -38.26
C ALA A 365 0.05 -14.27 -37.90
N TYR A 366 -0.11 -13.93 -36.61
CA TYR A 366 -1.33 -13.26 -36.15
C TYR A 366 -1.00 -12.02 -35.31
N ASP A 367 0.27 -11.78 -35.09
CA ASP A 367 0.75 -10.74 -34.16
C ASP A 367 0.27 -10.98 -32.73
N VAL A 368 0.62 -12.14 -32.19
CA VAL A 368 0.36 -12.41 -30.79
C VAL A 368 1.66 -12.11 -30.07
N SER A 369 1.57 -11.42 -28.94
CA SER A 369 2.77 -11.03 -28.18
C SER A 369 3.15 -12.09 -27.14
N PHE A 370 4.45 -12.16 -26.83
CA PHE A 370 4.94 -13.02 -25.77
C PHE A 370 4.83 -12.34 -24.43
N SER A 371 4.33 -13.07 -23.46
CA SER A 371 4.53 -12.70 -22.08
C SER A 371 5.36 -13.82 -21.46
N LEU A 372 6.68 -13.73 -21.58
CA LEU A 372 7.57 -14.80 -21.12
C LEU A 372 7.41 -15.05 -19.62
N GLY A 373 7.01 -16.27 -19.27
CA GLY A 373 6.51 -16.56 -17.94
C GLY A 373 7.52 -16.57 -16.80
N ASP A 374 7.04 -16.25 -15.61
CA ASP A 374 7.84 -16.29 -14.39
C ASP A 374 7.53 -17.59 -13.64
N GLY A 375 7.81 -18.72 -14.27
CA GLY A 375 7.58 -20.01 -13.67
C GLY A 375 8.26 -20.19 -12.34
N LEU A 376 9.43 -19.58 -12.18
CA LEU A 376 10.23 -19.73 -10.97
C LEU A 376 10.20 -18.48 -10.09
N ARG A 377 9.08 -17.75 -10.08
CA ARG A 377 8.99 -16.57 -9.24
C ARG A 377 8.94 -16.98 -7.79
N PRO A 378 9.51 -16.16 -6.90
CA PRO A 378 9.53 -16.47 -5.47
C PRO A 378 8.12 -16.41 -4.87
N GLY A 379 7.74 -17.47 -4.14
CA GLY A 379 6.45 -17.55 -3.49
C GLY A 379 6.49 -17.09 -2.03
N SER A 380 7.67 -16.64 -1.59
CA SER A 380 7.83 -16.13 -0.23
C SER A 380 9.00 -15.14 -0.21
N THR A 381 9.02 -14.26 0.76
CA THR A 381 10.09 -13.25 0.79
C THR A 381 11.46 -13.89 1.04
N ALA A 382 11.48 -15.04 1.73
CA ALA A 382 12.73 -15.78 1.92
C ALA A 382 13.34 -16.28 0.61
N ASP A 383 12.51 -16.54 -0.40
CA ASP A 383 13.02 -17.07 -1.67
C ASP A 383 13.38 -15.98 -2.71
N ALA A 384 13.14 -14.71 -2.38
CA ALA A 384 13.35 -13.62 -3.36
C ALA A 384 14.80 -13.48 -3.87
N ASN A 385 14.96 -13.29 -5.18
CA ASN A 385 16.27 -13.02 -5.77
C ASN A 385 17.23 -14.20 -5.72
N ASP A 386 16.68 -15.41 -5.67
CA ASP A 386 17.53 -16.60 -5.57
C ASP A 386 18.01 -17.11 -6.92
N GLU A 387 18.87 -18.13 -6.85
CA GLU A 387 19.47 -18.72 -8.04
C GLU A 387 18.46 -19.17 -9.09
N ALA A 388 17.41 -19.88 -8.68
CA ALA A 388 16.41 -20.35 -9.63
C ALA A 388 15.73 -19.18 -10.34
N GLN A 389 15.40 -18.12 -9.59
CA GLN A 389 14.67 -16.98 -10.14
C GLN A 389 15.48 -16.23 -11.20
N PHE A 390 16.73 -15.95 -10.88
CA PHE A 390 17.60 -15.23 -11.78
C PHE A 390 18.14 -16.11 -12.90
N SER A 391 18.18 -17.42 -12.68
CA SER A 391 18.54 -18.36 -13.74
C SER A 391 17.48 -18.31 -14.84
N GLU A 392 16.22 -18.40 -14.43
CA GLU A 392 15.14 -18.28 -15.39
C GLU A 392 15.16 -16.89 -16.05
N LEU A 393 15.39 -15.83 -15.29
CA LEU A 393 15.37 -14.47 -15.83
C LEU A 393 16.40 -14.28 -16.95
N ARG A 394 17.60 -14.81 -16.76
CA ARG A 394 18.65 -14.73 -17.76
C ARG A 394 18.27 -15.52 -18.99
N THR A 395 17.53 -16.61 -18.78
CA THR A 395 17.11 -17.43 -19.90
C THR A 395 16.07 -16.67 -20.72
N LEU A 396 15.17 -15.98 -20.04
CA LEU A 396 14.15 -15.20 -20.74
C LEU A 396 14.77 -14.12 -21.64
N GLY A 397 15.87 -13.52 -21.20
CA GLY A 397 16.55 -12.49 -21.96
C GLY A 397 17.17 -13.04 -23.23
N GLU A 398 17.57 -14.32 -23.17
CA GLU A 398 18.08 -15.00 -24.36
C GLU A 398 16.95 -15.31 -25.33
N LEU A 399 15.83 -15.76 -24.80
CA LEU A 399 14.64 -16.05 -25.59
C LEU A 399 14.05 -14.79 -26.19
N THR A 400 14.20 -13.67 -25.49
CA THR A 400 13.76 -12.40 -26.03
C THR A 400 14.42 -12.11 -27.38
N LYS A 401 15.73 -12.32 -27.46
CA LYS A 401 16.47 -12.08 -28.69
C LYS A 401 15.97 -12.98 -29.83
N VAL A 402 15.73 -14.25 -29.51
CA VAL A 402 15.20 -15.17 -30.51
C VAL A 402 13.84 -14.68 -30.99
N ALA A 403 12.97 -14.29 -30.06
CA ALA A 403 11.65 -13.79 -30.43
C ALA A 403 11.74 -12.59 -31.37
N TRP A 404 12.61 -11.64 -31.04
CA TRP A 404 12.82 -10.46 -31.88
C TRP A 404 13.27 -10.83 -33.30
N LYS A 405 14.20 -11.77 -33.42
CA LYS A 405 14.65 -12.26 -34.72
C LYS A 405 13.48 -12.73 -35.60
N HIS A 406 12.43 -13.21 -34.94
CA HIS A 406 11.23 -13.67 -35.65
C HIS A 406 10.16 -12.59 -35.81
N GLY A 407 10.46 -11.40 -35.31
CA GLY A 407 9.52 -10.29 -35.41
C GLY A 407 8.35 -10.40 -34.45
N VAL A 408 8.54 -11.09 -33.33
CA VAL A 408 7.48 -11.23 -32.32
C VAL A 408 7.69 -10.29 -31.13
N GLN A 409 6.65 -9.56 -30.76
CA GLN A 409 6.71 -8.64 -29.63
C GLN A 409 6.84 -9.38 -28.31
N VAL A 410 7.53 -8.77 -27.35
CA VAL A 410 7.90 -9.44 -26.10
C VAL A 410 7.81 -8.50 -24.88
N MET A 411 7.17 -8.98 -23.82
CA MET A 411 7.35 -8.43 -22.47
C MET A 411 7.72 -9.58 -21.51
N ILE A 412 8.27 -9.26 -20.34
CA ILE A 412 8.81 -10.24 -19.40
C ILE A 412 8.06 -10.23 -18.08
N GLU A 413 7.68 -11.39 -17.56
CA GLU A 413 7.04 -11.43 -16.23
C GLU A 413 8.05 -11.59 -15.08
N GLY A 414 7.74 -11.01 -13.93
CA GLY A 414 8.66 -11.04 -12.79
C GLY A 414 7.99 -11.50 -11.50
N PRO A 415 8.53 -11.08 -10.36
CA PRO A 415 8.03 -11.49 -9.03
C PRO A 415 6.66 -10.85 -8.74
N GLY A 416 5.94 -11.33 -7.72
CA GLY A 416 6.42 -12.34 -6.80
C GLY A 416 6.27 -11.87 -5.36
N HIS A 417 6.98 -12.50 -4.42
CA HIS A 417 7.11 -12.01 -3.05
C HIS A 417 8.53 -11.47 -2.88
N VAL A 418 8.68 -10.19 -2.54
CA VAL A 418 10.00 -9.57 -2.45
C VAL A 418 10.05 -8.47 -1.39
N ALA A 419 10.92 -8.60 -0.40
CA ALA A 419 11.13 -7.54 0.60
C ALA A 419 11.59 -6.24 -0.08
N MET A 420 11.17 -5.10 0.47
CA MET A 420 11.40 -3.80 -0.17
C MET A 420 12.85 -3.55 -0.58
N HIS A 421 13.81 -3.97 0.24
CA HIS A 421 15.22 -3.71 -0.04
C HIS A 421 15.78 -4.50 -1.23
N LYS A 422 15.03 -5.49 -1.71
CA LYS A 422 15.47 -6.28 -2.85
C LYS A 422 14.76 -5.86 -4.14
N ILE A 423 13.79 -4.96 -4.01
CA ILE A 423 12.98 -4.59 -5.17
C ILE A 423 13.77 -3.92 -6.30
N LYS A 424 14.63 -2.96 -5.99
CA LYS A 424 15.39 -2.28 -7.04
C LYS A 424 16.33 -3.23 -7.77
N ALA A 425 16.97 -4.11 -7.02
CA ALA A 425 17.85 -5.11 -7.61
C ALA A 425 17.12 -5.95 -8.66
N ASN A 426 15.85 -6.25 -8.41
CA ASN A 426 15.03 -6.97 -9.39
C ASN A 426 14.93 -6.25 -10.72
N MET A 427 14.66 -4.95 -10.67
CA MET A 427 14.50 -4.14 -11.88
C MET A 427 15.83 -4.07 -12.63
N ASP A 428 16.91 -3.88 -11.88
CA ASP A 428 18.24 -3.73 -12.46
C ASP A 428 18.68 -4.98 -13.22
N GLU A 429 18.39 -6.16 -12.67
CA GLU A 429 18.71 -7.41 -13.34
C GLU A 429 17.92 -7.51 -14.64
N GLN A 430 16.65 -7.18 -14.58
CA GLN A 430 15.75 -7.31 -15.73
C GLN A 430 16.14 -6.36 -16.87
N LEU A 431 16.45 -5.11 -16.55
CA LEU A 431 16.81 -4.14 -17.58
C LEU A 431 18.04 -4.62 -18.34
N LYS A 432 19.02 -5.12 -17.60
CA LYS A 432 20.25 -5.61 -18.17
C LYS A 432 20.04 -6.90 -18.98
N HIS A 433 19.66 -7.98 -18.29
CA HIS A 433 19.56 -9.29 -18.92
C HIS A 433 18.47 -9.46 -19.97
N CYS A 434 17.46 -8.60 -19.93
CA CYS A 434 16.35 -8.70 -20.86
C CYS A 434 16.31 -7.52 -21.82
N HIS A 435 17.41 -6.77 -21.86
CA HIS A 435 17.61 -5.75 -22.89
C HIS A 435 16.52 -4.67 -22.89
N GLU A 436 16.05 -4.30 -21.71
CA GLU A 436 15.03 -3.26 -21.57
C GLU A 436 13.65 -3.61 -22.13
N ALA A 437 13.38 -4.89 -22.41
CA ALA A 437 12.02 -5.26 -22.80
C ALA A 437 11.05 -4.90 -21.65
N PRO A 438 9.77 -4.67 -21.96
CA PRO A 438 8.81 -4.31 -20.90
C PRO A 438 8.72 -5.35 -19.78
N PHE A 439 8.68 -4.90 -18.53
CA PHE A 439 8.59 -5.78 -17.36
C PHE A 439 7.15 -5.78 -16.84
N TYR A 440 6.71 -6.93 -16.36
CA TYR A 440 5.31 -7.16 -16.03
C TYR A 440 5.27 -7.96 -14.72
N THR A 441 4.98 -7.29 -13.60
CA THR A 441 5.10 -7.96 -12.29
C THR A 441 3.76 -8.30 -11.64
N LEU A 442 3.81 -9.22 -10.68
CA LEU A 442 2.64 -9.57 -9.87
C LEU A 442 2.86 -9.09 -8.44
N GLY A 443 2.47 -7.85 -8.17
CA GLY A 443 2.87 -7.19 -6.94
C GLY A 443 4.19 -6.48 -7.22
N PRO A 444 5.24 -6.80 -6.46
CA PRO A 444 5.41 -7.89 -5.48
C PRO A 444 4.84 -7.63 -4.08
N LEU A 445 4.50 -8.71 -3.38
CA LEU A 445 4.14 -8.64 -1.97
C LEU A 445 5.42 -8.38 -1.17
N THR A 446 5.34 -7.41 -0.27
CA THR A 446 6.52 -6.98 0.47
C THR A 446 6.66 -7.68 1.83
N THR A 447 5.66 -8.50 2.17
CA THR A 447 5.65 -9.30 3.41
C THR A 447 4.61 -10.42 3.32
N ASP A 448 4.80 -11.47 4.12
CA ASP A 448 3.99 -12.68 3.99
C ASP A 448 2.87 -12.84 5.04
N ILE A 449 2.79 -11.89 5.97
CA ILE A 449 2.06 -12.12 7.21
C ILE A 449 0.65 -11.57 7.29
N ALA A 450 0.11 -11.12 6.16
CA ALA A 450 -1.23 -10.54 6.17
C ALA A 450 -2.17 -11.16 5.14
N PRO A 451 -2.43 -12.47 5.24
CA PRO A 451 -3.42 -13.05 4.30
C PRO A 451 -4.77 -12.37 4.49
N GLY A 452 -5.44 -12.06 3.38
CA GLY A 452 -6.68 -11.30 3.43
C GLY A 452 -6.45 -9.82 3.15
N TYR A 453 -5.19 -9.38 3.22
CA TYR A 453 -4.83 -7.98 2.98
C TYR A 453 -3.70 -7.86 1.96
N ASP A 454 -3.61 -8.84 1.06
CA ASP A 454 -2.47 -8.92 0.14
C ASP A 454 -2.54 -7.91 -1.00
N HIS A 455 -3.69 -7.28 -1.16
CA HIS A 455 -3.76 -6.19 -2.12
C HIS A 455 -2.97 -4.99 -1.57
N ILE A 456 -2.89 -4.89 -0.24
CA ILE A 456 -2.11 -3.80 0.38
C ILE A 456 -0.61 -4.10 0.44
N THR A 457 -0.25 -5.28 0.94
CA THR A 457 1.14 -5.71 0.94
C THR A 457 1.73 -5.66 -0.48
N SER A 458 0.93 -6.02 -1.48
CA SER A 458 1.43 -6.02 -2.85
C SER A 458 1.42 -4.61 -3.45
N ALA A 459 0.51 -3.75 -2.99
CA ALA A 459 0.46 -2.40 -3.54
C ALA A 459 1.71 -1.57 -3.23
N ILE A 460 2.29 -1.78 -2.06
CA ILE A 460 3.53 -1.12 -1.67
C ILE A 460 4.65 -1.51 -2.63
N GLY A 461 4.75 -2.81 -2.90
CA GLY A 461 5.75 -3.32 -3.82
C GLY A 461 5.50 -2.90 -5.25
N ALA A 462 4.24 -2.96 -5.68
CA ALA A 462 3.88 -2.60 -7.06
C ALA A 462 4.21 -1.13 -7.39
N ALA A 463 3.92 -0.23 -6.46
CA ALA A 463 4.19 1.20 -6.69
C ALA A 463 5.69 1.50 -6.81
N MET A 464 6.48 0.86 -5.96
CA MET A 464 7.93 1.02 -5.97
C MET A 464 8.53 0.45 -7.25
N ILE A 465 8.11 -0.74 -7.66
CA ILE A 465 8.73 -1.33 -8.83
C ILE A 465 8.25 -0.67 -10.12
N GLY A 466 7.04 -0.14 -10.09
CA GLY A 466 6.55 0.73 -11.15
C GLY A 466 7.40 1.98 -11.24
N TRP A 467 7.60 2.64 -10.10
CA TRP A 467 8.47 3.80 -10.04
C TRP A 467 9.83 3.47 -10.65
N PHE A 468 10.38 2.31 -10.30
CA PHE A 468 11.71 1.94 -10.79
C PHE A 468 11.74 1.59 -12.28
N GLY A 469 10.59 1.32 -12.88
CA GLY A 469 10.53 1.10 -14.31
C GLY A 469 9.61 0.00 -14.84
N THR A 470 8.84 -0.64 -13.97
CA THR A 470 7.97 -1.74 -14.41
C THR A 470 6.81 -1.18 -15.24
N ALA A 471 6.48 -1.85 -16.34
CA ALA A 471 5.55 -1.28 -17.32
C ALA A 471 4.10 -1.70 -17.07
N MET A 472 3.92 -2.90 -16.54
CA MET A 472 2.57 -3.37 -16.23
C MET A 472 2.57 -4.15 -14.93
N LEU A 473 1.51 -3.95 -14.15
CA LEU A 473 1.37 -4.55 -12.84
C LEU A 473 0.14 -5.40 -12.85
N CYS A 474 0.30 -6.70 -12.55
CA CYS A 474 -0.84 -7.59 -12.39
C CYS A 474 -1.40 -7.39 -10.98
N TYR A 475 -2.72 -7.20 -10.87
CA TYR A 475 -3.30 -6.86 -9.59
C TYR A 475 -3.38 -8.04 -8.62
N VAL A 476 -3.72 -7.73 -7.37
CA VAL A 476 -3.89 -8.73 -6.33
C VAL A 476 -5.12 -8.34 -5.54
N THR A 477 -6.03 -9.28 -5.31
CA THR A 477 -7.22 -8.99 -4.52
C THR A 477 -7.03 -9.40 -3.07
N PRO A 478 -7.95 -8.99 -2.19
CA PRO A 478 -7.91 -9.43 -0.79
C PRO A 478 -8.07 -10.95 -0.62
N LYS A 479 -8.64 -11.62 -1.62
CA LYS A 479 -8.81 -13.07 -1.59
C LYS A 479 -7.56 -13.83 -2.03
N GLU A 480 -6.50 -13.11 -2.37
CA GLU A 480 -5.24 -13.70 -2.78
C GLU A 480 -4.79 -14.77 -1.78
N HIS A 481 -4.48 -15.98 -2.28
CA HIS A 481 -4.00 -17.09 -1.43
C HIS A 481 -5.12 -17.86 -0.71
N LEU A 482 -6.36 -17.38 -0.81
CA LEU A 482 -7.40 -17.85 0.10
C LEU A 482 -8.67 -18.35 -0.60
N GLY A 483 -9.09 -17.64 -1.64
CA GLY A 483 -10.33 -17.99 -2.30
C GLY A 483 -10.54 -17.22 -3.59
N LEU A 484 -11.70 -17.45 -4.22
CA LEU A 484 -12.00 -16.84 -5.49
C LEU A 484 -12.69 -15.49 -5.29
N PRO A 485 -12.20 -14.46 -6.01
CA PRO A 485 -12.76 -13.11 -5.85
C PRO A 485 -14.17 -13.01 -6.43
N ASP A 486 -15.04 -12.32 -5.71
CA ASP A 486 -16.34 -11.96 -6.25
C ASP A 486 -16.25 -10.55 -6.83
N ARG A 487 -17.39 -10.04 -7.28
CA ARG A 487 -17.48 -8.73 -7.92
C ARG A 487 -16.75 -7.63 -7.13
N ASP A 488 -17.00 -7.57 -5.83
CA ASP A 488 -16.47 -6.50 -5.00
C ASP A 488 -14.97 -6.61 -4.76
N ASP A 489 -14.46 -7.84 -4.76
CA ASP A 489 -13.04 -8.09 -4.53
C ASP A 489 -12.25 -7.66 -5.75
N VAL A 490 -12.82 -7.92 -6.92
CA VAL A 490 -12.20 -7.51 -8.17
C VAL A 490 -12.08 -5.99 -8.22
N LYS A 491 -13.16 -5.29 -7.88
CA LYS A 491 -13.13 -3.83 -7.88
C LYS A 491 -12.07 -3.29 -6.92
N THR A 492 -11.98 -3.88 -5.73
CA THR A 492 -10.97 -3.45 -4.75
C THR A 492 -9.55 -3.65 -5.29
N GLY A 493 -9.31 -4.78 -5.96
CA GLY A 493 -8.03 -5.02 -6.57
C GLY A 493 -7.71 -3.97 -7.63
N VAL A 494 -8.69 -3.68 -8.49
CA VAL A 494 -8.49 -2.74 -9.59
C VAL A 494 -8.17 -1.31 -9.10
N ILE A 495 -8.99 -0.78 -8.20
CA ILE A 495 -8.73 0.56 -7.66
C ILE A 495 -7.40 0.59 -6.94
N THR A 496 -7.12 -0.45 -6.18
CA THR A 496 -5.86 -0.51 -5.45
C THR A 496 -4.71 -0.39 -6.43
N TYR A 497 -4.82 -1.08 -7.55
CA TYR A 497 -3.72 -1.08 -8.50
C TYR A 497 -3.70 0.17 -9.36
N LYS A 498 -4.86 0.76 -9.57
CA LYS A 498 -4.92 2.04 -10.27
C LYS A 498 -4.18 3.10 -9.46
N LEU A 499 -4.31 3.01 -8.14
CA LEU A 499 -3.71 4.03 -7.31
C LEU A 499 -2.19 3.83 -7.22
N ALA A 500 -1.75 2.57 -7.23
CA ALA A 500 -0.33 2.26 -7.22
C ALA A 500 0.32 2.65 -8.55
N ALA A 501 -0.34 2.34 -9.66
CA ALA A 501 0.13 2.75 -10.99
C ALA A 501 0.29 4.26 -11.11
N HIS A 502 -0.72 4.99 -10.64
CA HIS A 502 -0.66 6.44 -10.70
C HIS A 502 0.37 7.06 -9.74
N ALA A 503 0.55 6.46 -8.55
CA ALA A 503 1.59 6.91 -7.62
C ALA A 503 2.98 6.78 -8.24
N ALA A 504 3.16 5.78 -9.09
CA ALA A 504 4.42 5.60 -9.79
C ALA A 504 4.58 6.66 -10.90
N ASP A 505 3.54 6.84 -11.71
CA ASP A 505 3.53 7.91 -12.72
C ASP A 505 3.92 9.24 -12.06
N LEU A 506 3.25 9.56 -10.96
CA LEU A 506 3.52 10.79 -10.23
C LEU A 506 4.99 10.88 -9.81
N ALA A 507 5.52 9.81 -9.24
CA ALA A 507 6.90 9.80 -8.73
C ALA A 507 7.92 9.85 -9.84
N LYS A 508 7.58 9.26 -10.99
CA LYS A 508 8.45 9.30 -12.17
C LYS A 508 8.49 10.70 -12.80
N GLY A 509 7.60 11.59 -12.36
CA GLY A 509 7.45 12.88 -13.02
C GLY A 509 6.85 12.75 -14.41
N HIS A 510 5.95 11.78 -14.62
CA HIS A 510 5.26 11.70 -15.89
C HIS A 510 4.44 12.98 -16.11
N PRO A 511 4.62 13.63 -17.27
CA PRO A 511 4.08 14.98 -17.55
C PRO A 511 2.57 15.16 -17.35
N GLY A 512 1.80 14.08 -17.30
CA GLY A 512 0.36 14.21 -17.18
C GLY A 512 -0.23 13.88 -15.82
N ALA A 513 0.62 13.46 -14.89
CA ALA A 513 0.13 12.94 -13.61
C ALA A 513 -0.34 13.99 -12.60
N ALA A 514 0.46 15.03 -12.40
CA ALA A 514 0.16 16.01 -11.35
C ALA A 514 -1.14 16.75 -11.58
N MET A 515 -1.54 16.90 -12.84
CA MET A 515 -2.73 17.67 -13.16
C MET A 515 -3.95 17.09 -12.47
N TRP A 516 -4.02 15.77 -12.41
CA TRP A 516 -5.12 15.08 -11.76
C TRP A 516 -5.07 15.28 -10.23
N ASP A 517 -3.92 15.02 -9.62
CA ASP A 517 -3.80 15.23 -8.18
C ASP A 517 -4.13 16.66 -7.77
N ASP A 518 -3.67 17.61 -8.56
CA ASP A 518 -3.87 19.02 -8.22
C ASP A 518 -5.32 19.46 -8.35
N ALA A 519 -6.01 18.99 -9.39
CA ALA A 519 -7.43 19.28 -9.54
C ALA A 519 -8.24 18.84 -8.31
N ILE A 520 -8.00 17.63 -7.85
CA ILE A 520 -8.76 17.10 -6.72
C ILE A 520 -8.32 17.81 -5.43
N SER A 521 -7.05 18.16 -5.33
CA SER A 521 -6.56 18.90 -4.19
C SER A 521 -7.18 20.31 -4.09
N ARG A 522 -7.34 20.98 -5.22
CA ARG A 522 -8.02 22.29 -5.25
C ARG A 522 -9.50 22.18 -4.86
N ALA A 523 -10.17 21.14 -5.36
CA ALA A 523 -11.57 20.90 -5.03
C ALA A 523 -11.76 20.71 -3.53
N ARG A 524 -10.82 20.00 -2.93
CA ARG A 524 -10.81 19.72 -1.48
C ARG A 524 -10.62 21.02 -0.67
N PHE A 525 -9.70 21.85 -1.12
CA PHE A 525 -9.39 23.10 -0.45
C PHE A 525 -10.58 24.05 -0.51
N GLU A 526 -11.28 24.05 -1.63
CA GLU A 526 -12.40 24.97 -1.86
C GLU A 526 -13.74 24.38 -1.44
N PHE A 527 -13.69 23.21 -0.80
CA PHE A 527 -14.90 22.55 -0.33
C PHE A 527 -15.92 22.24 -1.44
N ARG A 528 -15.44 21.97 -2.64
CA ARG A 528 -16.31 21.51 -3.72
C ARG A 528 -16.45 20.01 -3.64
N TRP A 529 -17.38 19.57 -2.80
CA TRP A 529 -17.52 18.17 -2.46
C TRP A 529 -17.87 17.30 -3.67
N GLU A 530 -18.73 17.80 -4.56
CA GLU A 530 -19.12 17.03 -5.73
C GLU A 530 -17.93 16.76 -6.63
N ASP A 531 -17.06 17.76 -6.72
CA ASP A 531 -15.88 17.67 -7.56
C ASP A 531 -14.88 16.69 -6.97
N GLN A 532 -14.68 16.77 -5.65
CA GLN A 532 -13.78 15.83 -4.99
C GLN A 532 -14.23 14.39 -5.20
N PHE A 533 -15.54 14.15 -5.11
CA PHE A 533 -16.07 12.81 -5.36
C PHE A 533 -15.81 12.37 -6.81
N ASN A 534 -16.24 13.20 -7.75
CA ASN A 534 -16.19 12.87 -9.17
C ASN A 534 -14.78 12.70 -9.74
N LEU A 535 -13.81 13.36 -9.11
CA LEU A 535 -12.42 13.24 -9.55
C LEU A 535 -11.68 12.06 -8.91
N GLY A 536 -12.35 11.35 -8.00
CA GLY A 536 -11.71 10.22 -7.32
C GLY A 536 -11.78 8.95 -8.17
N LEU A 537 -10.89 7.99 -7.91
CA LEU A 537 -10.94 6.75 -8.66
C LEU A 537 -12.26 6.02 -8.43
N ASP A 538 -12.89 6.26 -7.28
CA ASP A 538 -14.16 5.59 -6.96
C ASP A 538 -15.17 6.57 -6.37
N PRO A 539 -15.85 7.34 -7.24
CA PRO A 539 -16.81 8.37 -6.84
C PRO A 539 -17.93 7.84 -5.92
N GLU A 540 -18.47 6.68 -6.23
CA GLU A 540 -19.62 6.17 -5.50
C GLU A 540 -19.26 5.86 -4.05
N THR A 541 -18.07 5.32 -3.84
CA THR A 541 -17.62 5.01 -2.49
C THR A 541 -17.33 6.28 -1.72
N ALA A 542 -16.64 7.21 -2.36
CA ALA A 542 -16.32 8.50 -1.74
C ALA A 542 -17.58 9.22 -1.23
N ARG A 543 -18.64 9.21 -2.02
CA ARG A 543 -19.90 9.86 -1.65
C ARG A 543 -20.62 9.11 -0.52
N LYS A 544 -20.65 7.79 -0.61
CA LYS A 544 -21.24 6.94 0.41
C LYS A 544 -20.59 7.17 1.77
N PHE A 545 -19.27 7.25 1.79
CA PHE A 545 -18.54 7.46 3.04
C PHE A 545 -18.82 8.83 3.61
N HIS A 546 -19.31 9.72 2.75
CA HIS A 546 -19.57 11.10 3.14
C HIS A 546 -21.05 11.30 3.48
N GLN B 4 -23.98 4.45 35.12
CA GLN B 4 -24.82 3.32 35.49
C GLN B 4 -25.23 2.49 34.28
N SER B 5 -26.16 3.03 33.50
CA SER B 5 -26.67 2.32 32.33
C SER B 5 -25.74 2.45 31.12
N THR B 6 -24.93 3.51 31.12
CA THR B 6 -23.96 3.72 30.06
C THR B 6 -22.65 3.01 30.40
N ILE B 7 -22.25 3.10 31.66
CA ILE B 7 -21.04 2.42 32.13
C ILE B 7 -21.23 0.90 32.13
N LYS B 8 -22.48 0.47 32.03
CA LYS B 8 -22.79 -0.95 31.98
C LYS B 8 -22.79 -1.44 30.54
N ALA B 9 -23.20 -0.57 29.62
CA ALA B 9 -23.25 -0.90 28.20
C ALA B 9 -21.86 -0.94 27.56
N VAL B 10 -20.86 -0.51 28.32
CA VAL B 10 -19.48 -0.57 27.84
C VAL B 10 -18.83 -1.87 28.32
N ALA B 11 -19.02 -2.20 29.59
CA ALA B 11 -18.45 -3.40 30.17
C ALA B 11 -18.85 -4.65 29.38
N GLU B 12 -19.89 -4.52 28.55
CA GLU B 12 -20.42 -5.65 27.79
C GLU B 12 -20.13 -5.55 26.29
N THR B 13 -19.93 -4.33 25.81
CA THR B 13 -19.72 -4.11 24.38
C THR B 13 -18.26 -4.24 23.95
N ILE B 14 -17.33 -3.99 24.87
CA ILE B 14 -15.90 -4.08 24.56
C ILE B 14 -15.46 -5.52 24.33
N SER B 15 -14.43 -5.70 23.51
CA SER B 15 -13.96 -7.03 23.14
C SER B 15 -12.75 -7.49 23.95
N THR B 16 -12.91 -8.62 24.63
CA THR B 16 -11.88 -9.17 25.50
C THR B 16 -11.61 -10.63 25.21
N GLY B 17 -10.62 -11.20 25.89
CA GLY B 17 -10.29 -12.60 25.69
C GLY B 17 -9.15 -12.75 24.70
N PRO B 18 -8.62 -13.97 24.59
CA PRO B 18 -7.46 -14.28 23.74
C PRO B 18 -7.66 -13.84 22.30
N ILE B 19 -6.59 -13.40 21.67
CA ILE B 19 -6.62 -13.10 20.24
C ILE B 19 -6.64 -14.44 19.49
N PRO B 20 -7.69 -14.68 18.68
CA PRO B 20 -7.92 -16.00 18.08
C PRO B 20 -6.64 -16.63 17.53
N GLY B 21 -6.40 -17.89 17.89
CA GLY B 21 -5.22 -18.60 17.45
C GLY B 21 -4.00 -18.42 18.34
N SER B 22 -4.11 -17.56 19.34
CA SER B 22 -2.95 -17.34 20.22
C SER B 22 -3.33 -17.33 21.71
N ARG B 23 -2.36 -17.07 22.56
CA ARG B 23 -2.62 -16.88 23.97
C ARG B 23 -1.57 -15.95 24.58
N LYS B 24 -1.97 -15.24 25.63
CA LYS B 24 -1.07 -14.30 26.30
C LYS B 24 0.05 -15.07 26.98
N VAL B 25 1.28 -14.62 26.80
CA VAL B 25 2.39 -15.17 27.61
C VAL B 25 3.18 -14.03 28.23
N TYR B 26 3.94 -14.34 29.28
CA TYR B 26 4.72 -13.30 29.96
C TYR B 26 6.17 -13.70 30.14
N GLN B 27 7.06 -12.71 30.14
CA GLN B 27 8.43 -12.95 30.52
C GLN B 27 8.76 -12.06 31.70
N ALA B 28 9.34 -12.65 32.74
CA ALA B 28 9.67 -11.93 33.97
C ALA B 28 10.95 -11.13 33.85
N GLY B 29 11.04 -10.01 34.58
CA GLY B 29 12.24 -9.20 34.58
C GLY B 29 13.32 -9.82 35.45
N GLU B 30 14.56 -9.36 35.30
CA GLU B 30 15.66 -9.82 36.13
C GLU B 30 16.13 -8.70 37.08
N LEU B 31 16.52 -7.57 36.50
CA LEU B 31 16.90 -6.40 37.28
C LEU B 31 15.75 -6.04 38.21
N PHE B 32 14.53 -6.16 37.70
CA PHE B 32 13.30 -5.89 38.45
C PHE B 32 12.38 -7.10 38.30
N PRO B 33 12.53 -8.09 39.18
CA PRO B 33 11.88 -9.41 39.08
C PRO B 33 10.35 -9.39 39.11
N GLU B 34 9.74 -8.29 39.55
CA GLU B 34 8.28 -8.24 39.62
C GLU B 34 7.64 -7.89 38.28
N LEU B 35 8.47 -7.51 37.30
CA LEU B 35 7.98 -7.14 35.99
C LEU B 35 7.43 -8.36 35.27
N ARG B 36 6.31 -8.19 34.58
CA ARG B 36 5.76 -9.24 33.72
C ARG B 36 5.50 -8.64 32.34
N VAL B 37 6.38 -8.95 31.40
CA VAL B 37 6.34 -8.32 30.09
C VAL B 37 5.48 -9.17 29.14
N PRO B 38 4.45 -8.59 28.54
CA PRO B 38 3.47 -9.39 27.80
C PRO B 38 3.87 -9.64 26.35
N PHE B 39 3.47 -10.81 25.84
CA PHE B 39 3.55 -11.13 24.42
C PHE B 39 2.33 -12.00 24.10
N ARG B 40 2.14 -12.32 22.83
CA ARG B 40 1.24 -13.40 22.50
C ARG B 40 1.98 -14.46 21.68
N GLU B 41 1.58 -15.71 21.86
CA GLU B 41 2.30 -16.81 21.30
C GLU B 41 1.37 -17.66 20.45
N VAL B 42 1.88 -18.13 19.31
CA VAL B 42 1.09 -18.90 18.38
C VAL B 42 1.80 -20.24 18.17
N ALA B 43 1.20 -21.29 18.72
CA ALA B 43 1.71 -22.64 18.55
C ALA B 43 1.20 -23.21 17.22
N VAL B 44 2.05 -23.95 16.51
CA VAL B 44 1.66 -24.53 15.24
C VAL B 44 1.40 -26.02 15.40
N HIS B 45 0.97 -26.69 14.34
CA HIS B 45 0.71 -28.12 14.40
C HIS B 45 1.92 -28.92 14.88
N PRO B 46 1.69 -29.90 15.76
CA PRO B 46 2.77 -30.74 16.31
C PRO B 46 3.61 -31.45 15.25
N SER B 47 2.99 -31.87 14.15
CA SER B 47 3.68 -32.58 13.09
C SER B 47 4.71 -31.70 12.38
N ALA B 48 4.54 -30.40 12.52
CA ALA B 48 5.47 -29.46 11.90
C ALA B 48 6.77 -29.41 12.69
N ASN B 49 6.71 -29.84 13.94
CA ASN B 49 7.86 -29.82 14.84
C ASN B 49 8.57 -28.47 14.88
N GLU B 50 7.78 -27.42 15.11
CA GLU B 50 8.32 -26.08 15.25
C GLU B 50 7.96 -25.50 16.61
N PRO B 51 8.83 -24.64 17.13
CA PRO B 51 8.57 -23.91 18.38
C PRO B 51 7.45 -22.89 18.14
N PRO B 52 6.75 -22.48 19.19
CA PRO B 52 5.72 -21.45 19.02
C PRO B 52 6.31 -20.14 18.51
N VAL B 53 5.47 -19.34 17.85
CA VAL B 53 5.90 -18.03 17.37
C VAL B 53 5.50 -16.96 18.38
N THR B 54 6.47 -16.17 18.84
CA THR B 54 6.19 -15.05 19.71
C THR B 54 5.87 -13.79 18.88
N ILE B 55 4.82 -13.07 19.27
CA ILE B 55 4.37 -11.87 18.54
C ILE B 55 4.21 -10.68 19.51
N TYR B 56 4.65 -9.51 19.07
CA TYR B 56 4.56 -8.30 19.89
C TYR B 56 3.09 -8.02 20.19
N ASP B 57 2.75 -7.76 21.45
CA ASP B 57 1.36 -7.65 21.87
C ASP B 57 1.04 -6.41 22.75
N PRO B 58 0.35 -5.40 22.18
CA PRO B 58 -0.06 -4.20 22.93
C PRO B 58 -1.49 -4.28 23.48
N SER B 59 -2.19 -5.40 23.27
CA SER B 59 -3.60 -5.54 23.68
C SER B 59 -3.88 -5.37 25.19
N GLY B 60 -2.88 -5.61 26.02
CA GLY B 60 -3.07 -5.39 27.44
C GLY B 60 -3.83 -6.53 28.12
N PRO B 61 -4.18 -6.34 29.40
CA PRO B 61 -4.89 -7.34 30.22
C PRO B 61 -6.21 -7.80 29.62
N TYR B 62 -6.75 -7.03 28.68
CA TYR B 62 -8.03 -7.33 28.02
C TYR B 62 -8.02 -8.69 27.35
N SER B 63 -6.84 -9.15 26.93
CA SER B 63 -6.72 -10.46 26.29
C SER B 63 -6.16 -11.54 27.22
N ASP B 64 -6.06 -11.25 28.51
CA ASP B 64 -5.65 -12.25 29.51
C ASP B 64 -6.85 -12.67 30.38
N PRO B 65 -7.38 -13.89 30.16
CA PRO B 65 -8.62 -14.37 30.79
C PRO B 65 -8.51 -14.48 32.31
N ALA B 66 -7.28 -14.62 32.83
CA ALA B 66 -7.03 -14.66 34.26
C ALA B 66 -7.25 -13.32 34.97
N ILE B 67 -7.51 -12.27 34.20
CA ILE B 67 -7.67 -10.93 34.79
C ILE B 67 -9.08 -10.38 34.59
N GLN B 68 -9.70 -9.97 35.69
CA GLN B 68 -11.06 -9.44 35.63
C GLN B 68 -11.03 -7.99 35.14
N ILE B 69 -11.85 -7.69 34.14
CA ILE B 69 -11.93 -6.35 33.57
C ILE B 69 -13.14 -5.61 34.11
N ASP B 70 -12.90 -4.42 34.67
CA ASP B 70 -13.97 -3.55 35.15
C ASP B 70 -13.60 -2.10 34.89
N ILE B 71 -14.16 -1.53 33.83
CA ILE B 71 -13.77 -0.21 33.37
C ILE B 71 -14.17 0.86 34.36
N GLU B 72 -15.12 0.54 35.24
CA GLU B 72 -15.55 1.45 36.29
C GLU B 72 -14.41 1.62 37.27
N LYS B 73 -13.54 0.63 37.34
CA LYS B 73 -12.43 0.66 38.29
C LYS B 73 -11.09 0.94 37.62
N GLY B 74 -11.06 0.82 36.29
CA GLY B 74 -9.83 0.99 35.54
C GLY B 74 -8.98 -0.28 35.61
N LEU B 75 -7.86 -0.27 34.89
CA LEU B 75 -6.95 -1.41 34.90
C LEU B 75 -6.07 -1.36 36.14
N PRO B 76 -5.46 -2.51 36.49
CA PRO B 76 -4.50 -2.57 37.59
C PRO B 76 -3.32 -1.64 37.33
N ARG B 77 -2.86 -0.92 38.35
CA ARG B 77 -1.76 0.00 38.19
C ARG B 77 -0.43 -0.66 38.53
N THR B 78 -0.02 -1.57 37.65
CA THR B 78 1.12 -2.43 37.89
C THR B 78 2.43 -1.68 37.78
N ARG B 79 2.37 -0.45 37.27
CA ARG B 79 3.55 0.40 37.16
C ARG B 79 3.77 1.30 38.39
N GLU B 80 2.73 1.51 39.19
CA GLU B 80 2.78 2.47 40.28
C GLU B 80 3.92 2.23 41.27
N ALA B 81 4.06 0.99 41.73
CA ALA B 81 5.05 0.69 42.77
C ALA B 81 6.47 0.94 42.30
N LEU B 82 6.75 0.61 41.04
CA LEU B 82 8.08 0.77 40.47
C LEU B 82 8.49 2.22 40.46
N VAL B 83 7.54 3.08 40.10
CA VAL B 83 7.80 4.51 40.03
C VAL B 83 8.02 5.09 41.43
N VAL B 84 7.09 4.82 42.34
CA VAL B 84 7.24 5.24 43.74
C VAL B 84 8.56 4.72 44.31
N ALA B 85 8.91 3.50 43.95
CA ALA B 85 10.10 2.84 44.47
C ALA B 85 11.38 3.61 44.25
N ARG B 86 11.38 4.48 43.24
CA ARG B 86 12.58 5.26 42.96
C ARG B 86 12.71 6.42 43.95
N GLY B 87 11.64 6.68 44.67
CA GLY B 87 11.64 7.69 45.72
C GLY B 87 11.96 9.09 45.22
N ASP B 88 11.46 9.44 44.03
CA ASP B 88 11.68 10.77 43.47
C ASP B 88 10.38 11.54 43.27
N VAL B 89 9.25 10.92 43.58
CA VAL B 89 7.97 11.59 43.43
C VAL B 89 7.23 11.70 44.75
N GLU B 90 6.28 12.61 44.81
CA GLU B 90 5.49 12.80 46.02
C GLU B 90 4.04 13.05 45.63
N GLU B 91 3.12 12.63 46.50
CA GLU B 91 1.70 12.83 46.27
C GLU B 91 1.35 14.32 46.19
N VAL B 92 0.33 14.64 45.41
CA VAL B 92 -0.12 16.01 45.27
C VAL B 92 -1.22 16.31 46.28
N ALA B 93 -0.91 17.18 47.24
CA ALA B 93 -1.84 17.55 48.30
C ALA B 93 -3.25 17.86 47.78
N ASP B 94 -3.35 18.84 46.89
CA ASP B 94 -4.64 19.20 46.30
C ASP B 94 -4.56 19.37 44.78
N PRO B 95 -4.77 18.27 44.05
CA PRO B 95 -4.75 18.26 42.59
C PRO B 95 -5.89 19.08 41.98
N ARG B 96 -5.74 19.45 40.71
CA ARG B 96 -6.77 20.17 39.99
C ARG B 96 -8.01 19.30 39.75
N GLN B 97 -9.18 19.86 39.99
CA GLN B 97 -10.43 19.17 39.66
C GLN B 97 -11.15 19.86 38.51
N VAL B 98 -11.79 19.07 37.65
CA VAL B 98 -12.42 19.60 36.45
C VAL B 98 -13.91 19.24 36.39
N LYS B 99 -14.74 20.26 36.38
CA LYS B 99 -16.19 20.09 36.38
C LYS B 99 -16.77 19.83 34.99
N PRO B 100 -17.78 18.95 34.91
CA PRO B 100 -18.56 18.70 33.69
C PRO B 100 -19.60 19.80 33.48
N PRO B 113 -20.28 12.33 32.24
CA PRO B 113 -20.18 11.11 33.06
C PRO B 113 -18.87 11.08 33.84
N GLU B 114 -18.94 11.03 35.16
CA GLU B 114 -17.74 11.13 35.99
C GLU B 114 -17.11 9.77 36.29
N PHE B 115 -15.79 9.71 36.24
CA PHE B 115 -15.05 8.50 36.59
C PHE B 115 -14.70 8.52 38.08
N PRO B 116 -14.90 7.38 38.76
CA PRO B 116 -14.55 7.16 40.16
C PRO B 116 -13.08 7.48 40.47
N GLY B 119 -9.67 5.67 43.76
CA GLY B 119 -8.76 6.00 44.83
C GLY B 119 -7.31 6.11 44.39
N ARG B 120 -7.11 6.63 43.19
CA ARG B 120 -5.77 6.79 42.63
C ARG B 120 -5.08 8.01 43.23
N LYS B 121 -3.89 7.81 43.80
CA LYS B 121 -3.06 8.93 44.23
C LYS B 121 -2.47 9.65 43.01
N ILE B 122 -2.38 10.97 43.08
CA ILE B 122 -1.78 11.76 42.00
C ILE B 122 -0.41 12.26 42.42
N TYR B 123 0.55 12.20 41.50
CA TYR B 123 1.96 12.42 41.83
C TYR B 123 2.62 13.53 41.02
N ARG B 124 3.70 14.07 41.60
CA ARG B 124 4.53 15.10 40.98
C ARG B 124 5.92 14.92 41.55
N ALA B 125 6.94 15.21 40.75
CA ALA B 125 8.32 15.10 41.22
C ALA B 125 8.54 15.98 42.44
N LYS B 126 9.33 15.49 43.39
CA LYS B 126 9.68 16.30 44.56
C LYS B 126 10.55 17.46 44.08
N PRO B 127 10.39 18.63 44.70
CA PRO B 127 11.17 19.81 44.29
C PRO B 127 12.66 19.50 44.34
N GLY B 128 13.36 19.77 43.23
CA GLY B 128 14.78 19.51 43.15
C GLY B 128 15.12 18.13 42.62
N LYS B 129 14.11 17.29 42.45
CA LYS B 129 14.31 15.92 41.97
C LYS B 129 14.17 15.82 40.45
N LEU B 130 14.95 14.93 39.84
CA LEU B 130 14.85 14.64 38.41
C LEU B 130 14.12 13.34 38.20
N VAL B 131 13.08 13.35 37.36
CA VAL B 131 12.23 12.17 37.21
C VAL B 131 12.06 11.58 35.80
N THR B 132 12.61 12.22 34.77
CA THR B 132 12.38 11.72 33.41
C THR B 132 13.31 10.57 33.02
N GLN B 133 12.81 9.68 32.17
CA GLN B 133 13.64 8.62 31.62
C GLN B 133 14.93 9.19 31.02
N LEU B 134 14.83 10.35 30.39
CA LEU B 134 16.02 10.98 29.80
C LEU B 134 17.04 11.32 30.89
N GLU B 135 16.58 11.99 31.93
CA GLU B 135 17.47 12.36 33.02
C GLU B 135 18.10 11.13 33.68
N TYR B 136 17.31 10.08 33.91
CA TYR B 136 17.85 8.83 34.47
C TYR B 136 18.93 8.20 33.59
N ALA B 137 18.65 8.09 32.29
CA ALA B 137 19.59 7.54 31.32
C ALA B 137 20.91 8.31 31.28
N ARG B 138 20.82 9.63 31.21
CA ARG B 138 22.02 10.47 31.18
C ARG B 138 22.86 10.33 32.46
N ALA B 139 22.21 10.00 33.57
CA ALA B 139 22.91 9.77 34.84
C ALA B 139 23.40 8.33 34.98
N GLY B 140 23.26 7.54 33.92
CA GLY B 140 23.78 6.18 33.90
C GLY B 140 22.87 5.14 34.54
N ILE B 141 21.62 5.52 34.78
CA ILE B 141 20.68 4.68 35.49
C ILE B 141 19.80 3.85 34.55
N ILE B 142 19.74 2.53 34.77
CA ILE B 142 18.79 1.67 34.07
C ILE B 142 17.51 1.51 34.87
N THR B 143 16.46 2.17 34.43
CA THR B 143 15.17 2.14 35.14
C THR B 143 14.38 0.88 34.81
N ALA B 144 13.25 0.72 35.49
CA ALA B 144 12.39 -0.43 35.29
C ALA B 144 11.78 -0.41 33.90
N GLU B 145 11.39 0.78 33.44
CA GLU B 145 10.80 0.92 32.10
C GLU B 145 11.79 0.50 31.02
N MET B 146 13.07 0.83 31.23
CA MET B 146 14.11 0.43 30.29
C MET B 146 14.32 -1.08 30.18
N GLU B 147 14.37 -1.77 31.31
CA GLU B 147 14.49 -3.22 31.26
C GLU B 147 13.22 -3.84 30.68
N TYR B 148 12.07 -3.27 31.03
CA TYR B 148 10.79 -3.74 30.54
C TYR B 148 10.78 -3.70 29.02
N VAL B 149 11.31 -2.61 28.48
CA VAL B 149 11.33 -2.39 27.04
C VAL B 149 12.33 -3.28 26.32
N ALA B 150 13.54 -3.39 26.87
CA ALA B 150 14.55 -4.28 26.30
C ALA B 150 14.01 -5.70 26.19
N ILE B 151 13.26 -6.14 27.20
CA ILE B 151 12.65 -7.47 27.16
C ILE B 151 11.58 -7.53 26.07
N ARG B 152 10.75 -6.49 26.00
CA ARG B 152 9.67 -6.46 25.03
C ARG B 152 10.20 -6.52 23.59
N GLU B 153 11.29 -5.80 23.33
CA GLU B 153 11.83 -5.67 21.98
C GLU B 153 12.48 -6.93 21.40
N ASN B 154 12.84 -7.88 22.27
CA ASN B 154 13.52 -9.10 21.79
C ASN B 154 12.59 -10.25 21.42
N LEU B 155 11.30 -10.13 21.76
CA LEU B 155 10.33 -11.17 21.40
C LEU B 155 10.73 -12.58 21.88
N ARG B 156 11.38 -12.64 23.05
CA ARG B 156 11.81 -13.90 23.66
C ARG B 156 12.82 -14.70 22.84
N ARG B 157 13.55 -14.02 21.95
CA ARG B 157 14.58 -14.69 21.15
C ARG B 157 15.79 -15.01 22.03
N GLU B 158 16.48 -16.09 21.71
CA GLU B 158 17.66 -16.51 22.45
C GLU B 158 18.86 -16.32 21.54
N GLN B 159 20.04 -16.10 22.12
CA GLN B 159 21.26 -16.00 21.32
C GLN B 159 21.95 -17.35 21.21
N ASP B 160 21.23 -18.34 20.68
CA ASP B 160 21.71 -19.71 20.59
C ASP B 160 22.14 -20.12 19.18
N ARG B 161 21.69 -19.36 18.18
CA ARG B 161 22.08 -19.61 16.80
C ARG B 161 22.74 -18.36 16.22
N PRO B 162 23.65 -18.57 15.25
CA PRO B 162 24.29 -17.42 14.59
C PRO B 162 23.21 -16.50 14.01
N CYS B 163 23.42 -15.19 14.11
CA CYS B 163 22.47 -14.23 13.60
C CYS B 163 23.00 -13.60 12.32
N VAL B 164 22.30 -13.79 11.22
CA VAL B 164 22.76 -13.25 9.94
C VAL B 164 21.82 -12.20 9.36
N ARG B 165 22.37 -11.01 9.07
CA ARG B 165 21.56 -9.87 8.65
C ARG B 165 21.30 -9.81 7.15
N ASP B 166 20.03 -9.71 6.78
CA ASP B 166 19.62 -9.50 5.40
C ASP B 166 18.71 -8.28 5.30
N GLY B 167 19.30 -7.12 5.08
CA GLY B 167 18.52 -5.89 4.98
C GLY B 167 19.33 -4.67 4.59
N GLU B 168 18.66 -3.53 4.47
CA GLU B 168 19.31 -2.24 4.22
C GLU B 168 18.68 -1.25 5.17
N ASP B 169 19.44 -0.79 6.15
CA ASP B 169 18.87 0.07 7.18
C ASP B 169 19.38 1.49 7.09
N PHE B 170 20.12 1.78 6.03
CA PHE B 170 20.59 3.14 5.75
C PHE B 170 21.38 3.78 6.89
N GLY B 171 22.24 3.00 7.53
CA GLY B 171 23.13 3.54 8.54
C GLY B 171 22.56 3.55 9.95
N ALA B 172 21.51 2.76 10.18
CA ALA B 172 20.96 2.62 11.53
C ALA B 172 21.91 1.83 12.41
N SER B 173 21.60 1.76 13.71
CA SER B 173 22.40 0.96 14.63
C SER B 173 21.51 -0.06 15.34
N ILE B 174 20.93 -0.97 14.56
CA ILE B 174 20.10 -2.02 15.13
C ILE B 174 21.01 -3.16 15.60
N PRO B 175 20.96 -3.48 16.91
CA PRO B 175 21.79 -4.56 17.47
C PRO B 175 21.22 -5.95 17.16
N ASP B 176 22.07 -6.98 17.26
CA ASP B 176 21.60 -8.35 17.08
C ASP B 176 20.60 -8.72 18.17
N PHE B 177 20.76 -8.08 19.32
CA PHE B 177 19.95 -8.36 20.47
C PHE B 177 19.91 -7.11 21.33
N VAL B 178 18.72 -6.77 21.82
CA VAL B 178 18.55 -5.57 22.65
C VAL B 178 18.84 -5.86 24.12
N THR B 179 19.65 -5.02 24.74
CA THR B 179 19.91 -5.10 26.17
C THR B 179 19.43 -3.84 26.86
N PRO B 180 19.08 -3.92 28.15
CA PRO B 180 18.65 -2.75 28.91
C PRO B 180 19.65 -1.61 28.80
N GLU B 181 20.93 -1.96 28.71
CA GLU B 181 21.98 -0.96 28.59
C GLU B 181 21.94 -0.26 27.24
N PHE B 182 21.60 -1.00 26.18
CA PHE B 182 21.44 -0.39 24.86
C PHE B 182 20.29 0.62 24.87
N VAL B 183 19.17 0.23 25.48
CA VAL B 183 18.03 1.12 25.63
C VAL B 183 18.44 2.42 26.33
N ARG B 184 19.15 2.30 27.45
CA ARG B 184 19.61 3.50 28.16
C ARG B 184 20.48 4.39 27.29
N GLN B 185 21.38 3.79 26.53
CA GLN B 185 22.25 4.55 25.62
C GLN B 185 21.46 5.29 24.54
N GLU B 186 20.48 4.61 23.97
CA GLU B 186 19.64 5.23 22.94
C GLU B 186 18.84 6.38 23.50
N ILE B 187 18.32 6.21 24.72
CA ILE B 187 17.57 7.29 25.34
C ILE B 187 18.48 8.46 25.70
N ALA B 188 19.62 8.19 26.33
CA ALA B 188 20.55 9.25 26.74
C ALA B 188 20.98 10.14 25.58
N ARG B 189 21.12 9.56 24.39
CA ARG B 189 21.57 10.35 23.25
C ARG B 189 20.41 11.04 22.55
N GLY B 190 19.19 10.71 22.95
CA GLY B 190 18.00 11.34 22.38
C GLY B 190 17.49 10.65 21.13
N ARG B 191 18.10 9.54 20.76
CA ARG B 191 17.69 8.79 19.58
C ARG B 191 16.50 7.84 19.85
N ALA B 192 16.05 7.77 21.10
CA ALA B 192 14.89 6.96 21.46
C ALA B 192 14.18 7.51 22.69
N ILE B 193 12.89 7.24 22.78
CA ILE B 193 12.10 7.70 23.91
C ILE B 193 11.17 6.61 24.44
N ILE B 194 10.78 6.77 25.69
CA ILE B 194 9.79 5.93 26.35
C ILE B 194 8.74 6.87 26.95
N PRO B 195 7.60 7.02 26.29
CA PRO B 195 6.56 7.92 26.81
C PRO B 195 5.88 7.30 28.01
N ALA B 196 5.95 7.95 29.17
CA ALA B 196 5.51 7.30 30.39
C ALA B 196 5.32 8.27 31.57
N ASN B 197 4.23 9.01 31.52
CA ASN B 197 3.83 9.91 32.59
C ASN B 197 3.77 9.14 33.92
N ILE B 198 4.40 9.69 34.95
CA ILE B 198 4.41 9.07 36.28
C ILE B 198 2.99 8.80 36.80
N ASN B 199 2.01 9.51 36.26
CA ASN B 199 0.63 9.35 36.67
C ASN B 199 -0.18 8.41 35.79
N HIS B 200 0.50 7.64 34.94
CA HIS B 200 -0.16 6.63 34.14
C HIS B 200 0.28 5.25 34.65
N GLY B 201 -0.25 4.88 35.81
CA GLY B 201 0.18 3.68 36.51
C GLY B 201 -0.26 2.40 35.82
N GLU B 202 -1.21 2.53 34.90
CA GLU B 202 -1.76 1.40 34.16
C GLU B 202 -0.88 0.98 32.98
N LEU B 203 0.06 1.85 32.60
CA LEU B 203 0.84 1.71 31.37
C LEU B 203 1.79 0.51 31.33
N GLU B 204 1.76 -0.24 30.23
CA GLU B 204 2.81 -1.20 29.88
C GLU B 204 3.82 -0.50 28.97
N PRO B 205 5.01 -0.17 29.52
CA PRO B 205 6.06 0.58 28.81
C PRO B 205 6.40 0.07 27.41
N MET B 206 6.61 1.02 26.50
CA MET B 206 7.10 0.73 25.14
C MET B 206 8.12 1.78 24.74
N ALA B 207 9.00 1.45 23.79
CA ALA B 207 9.97 2.42 23.28
C ALA B 207 9.66 2.84 21.86
N ILE B 208 9.97 4.10 21.57
CA ILE B 208 9.90 4.65 20.23
C ILE B 208 11.30 5.10 19.81
N GLY B 209 11.80 4.51 18.73
CA GLY B 209 13.11 4.91 18.21
C GLY B 209 13.47 4.13 16.96
N ARG B 210 14.38 4.67 16.15
CA ARG B 210 14.76 4.05 14.87
C ARG B 210 15.41 2.68 15.03
N ASN B 211 16.08 2.45 16.15
CA ASN B 211 16.80 1.20 16.33
C ASN B 211 15.98 0.11 17.04
N PHE B 212 14.66 0.29 17.02
CA PHE B 212 13.71 -0.64 17.62
C PHE B 212 12.63 -0.95 16.58
N LEU B 213 11.64 -1.75 16.94
CA LEU B 213 10.55 -2.06 16.01
C LEU B 213 9.80 -0.78 15.67
N VAL B 214 9.32 -0.69 14.43
CA VAL B 214 8.50 0.45 14.02
C VAL B 214 7.14 0.35 14.71
N LYS B 215 6.74 1.43 15.39
CA LYS B 215 5.49 1.45 16.14
C LYS B 215 4.40 2.11 15.29
N ILE B 216 3.14 1.93 15.68
CA ILE B 216 2.06 2.60 14.99
C ILE B 216 1.10 3.24 15.99
N ASN B 217 0.40 4.27 15.53
CA ASN B 217 -0.51 5.02 16.38
C ASN B 217 -1.94 5.06 15.82
N ALA B 218 -2.92 4.85 16.68
CA ALA B 218 -4.33 5.00 16.30
C ALA B 218 -4.96 6.24 16.92
N ASN B 219 -5.83 6.89 16.16
CA ASN B 219 -6.55 8.06 16.66
C ASN B 219 -7.96 7.72 17.12
N ILE B 220 -8.32 8.29 18.27
CA ILE B 220 -9.65 8.17 18.86
C ILE B 220 -10.20 9.57 19.12
N GLY B 221 -11.51 9.69 19.26
CA GLY B 221 -12.12 10.96 19.64
C GLY B 221 -12.95 11.64 18.56
N ASN B 222 -14.09 12.21 18.96
CA ASN B 222 -14.95 12.90 18.01
C ASN B 222 -14.54 14.34 17.76
N THR B 228 -20.99 8.87 22.82
CA THR B 228 -20.98 8.44 24.22
C THR B 228 -19.58 8.04 24.68
N VAL B 229 -19.47 7.66 25.94
CA VAL B 229 -18.19 7.22 26.52
C VAL B 229 -17.83 5.82 26.05
N ALA B 230 -18.82 4.93 26.08
CA ALA B 230 -18.63 3.54 25.66
C ALA B 230 -17.96 3.44 24.29
N ASP B 231 -18.43 4.23 23.34
CA ASP B 231 -17.93 4.18 21.96
C ASP B 231 -16.43 4.45 21.91
N GLU B 232 -15.95 5.31 22.79
CA GLU B 232 -14.55 5.70 22.79
C GLU B 232 -13.66 4.74 23.57
N VAL B 233 -14.17 4.22 24.68
CA VAL B 233 -13.45 3.18 25.41
C VAL B 233 -13.38 1.92 24.55
N ASP B 234 -14.49 1.61 23.90
CA ASP B 234 -14.57 0.48 22.98
C ASP B 234 -13.48 0.60 21.93
N LYS B 235 -13.41 1.75 21.27
CA LYS B 235 -12.47 1.93 20.17
C LYS B 235 -11.04 1.84 20.67
N LEU B 236 -10.81 2.30 21.89
CA LEU B 236 -9.50 2.19 22.52
C LEU B 236 -9.10 0.71 22.68
N VAL B 237 -10.03 -0.11 23.16
CA VAL B 237 -9.75 -1.53 23.37
C VAL B 237 -9.62 -2.23 22.03
N TRP B 238 -10.51 -1.90 21.10
CA TRP B 238 -10.49 -2.46 19.75
C TRP B 238 -9.18 -2.16 19.03
N ALA B 239 -8.73 -0.90 19.10
CA ALA B 239 -7.54 -0.47 18.39
C ALA B 239 -6.27 -1.15 18.89
N THR B 240 -6.12 -1.28 20.22
CA THR B 240 -4.95 -1.97 20.79
C THR B 240 -5.02 -3.48 20.61
N ARG B 241 -6.23 -4.03 20.63
CA ARG B 241 -6.40 -5.47 20.42
C ARG B 241 -5.71 -5.91 19.12
N TRP B 242 -5.88 -5.10 18.07
CA TRP B 242 -5.32 -5.41 16.74
C TRP B 242 -3.91 -4.91 16.51
N GLY B 243 -3.36 -4.15 17.47
CA GLY B 243 -1.95 -3.86 17.44
C GLY B 243 -1.48 -2.41 17.53
N ALA B 244 -2.38 -1.47 17.80
CA ALA B 244 -1.95 -0.08 17.93
C ALA B 244 -1.01 0.05 19.13
N ASP B 245 0.15 0.67 18.94
CA ASP B 245 1.12 0.78 20.04
C ASP B 245 0.90 2.00 20.93
N THR B 246 0.38 3.08 20.37
CA THR B 246 -0.09 4.21 21.15
C THR B 246 -1.43 4.65 20.62
N VAL B 247 -2.10 5.49 21.40
CA VAL B 247 -3.39 6.05 21.01
C VAL B 247 -3.45 7.54 21.32
N MET B 248 -4.04 8.30 20.40
CA MET B 248 -4.24 9.73 20.62
C MET B 248 -5.71 10.04 20.77
N ASP B 249 -6.03 10.76 21.84
CA ASP B 249 -7.38 11.24 22.05
C ASP B 249 -7.49 12.61 21.42
N LEU B 250 -8.22 12.69 20.30
CA LEU B 250 -8.32 13.93 19.55
C LEU B 250 -9.68 14.58 19.75
N SER B 251 -10.37 14.19 20.81
CA SER B 251 -11.69 14.74 21.11
C SER B 251 -11.70 16.26 21.17
N THR B 252 -12.82 16.84 20.78
CA THR B 252 -12.99 18.28 20.81
C THR B 252 -14.36 18.60 21.39
N GLY B 253 -14.47 19.71 22.10
CA GLY B 253 -15.77 20.16 22.56
C GLY B 253 -16.04 19.97 24.05
N ARG B 254 -17.30 19.66 24.36
CA ARG B 254 -17.77 19.60 25.74
C ARG B 254 -17.19 18.43 26.53
N ASN B 255 -16.63 18.75 27.69
CA ASN B 255 -16.25 17.75 28.67
C ASN B 255 -15.32 16.68 28.13
N ILE B 256 -14.26 17.11 27.44
CA ILE B 256 -13.28 16.17 26.92
C ILE B 256 -12.36 15.67 28.02
N HIS B 257 -12.16 16.46 29.07
CA HIS B 257 -11.29 16.03 30.14
C HIS B 257 -11.89 14.87 30.93
N ASN B 258 -13.19 14.90 31.15
CA ASN B 258 -13.87 13.81 31.85
C ASN B 258 -13.84 12.55 31.02
N ILE B 259 -14.15 12.68 29.73
CA ILE B 259 -14.11 11.56 28.81
C ILE B 259 -12.74 10.90 28.88
N ARG B 260 -11.69 11.71 28.79
CA ARG B 260 -10.33 11.17 28.75
C ARG B 260 -9.94 10.40 30.01
N ASP B 261 -10.55 10.74 31.14
CA ASP B 261 -10.34 9.97 32.36
C ASP B 261 -10.63 8.49 32.08
N TRP B 262 -11.79 8.24 31.48
CA TRP B 262 -12.18 6.87 31.18
C TRP B 262 -11.19 6.21 30.23
N ILE B 263 -10.69 6.98 29.25
CA ILE B 263 -9.72 6.45 28.31
C ILE B 263 -8.38 6.08 28.97
N ILE B 264 -7.76 7.02 29.66
CA ILE B 264 -6.43 6.78 30.26
C ILE B 264 -6.42 5.67 31.35
N ARG B 265 -7.39 5.72 32.27
CA ARG B 265 -7.46 4.75 33.36
C ARG B 265 -7.65 3.31 32.85
N ASN B 266 -8.22 3.19 31.66
CA ASN B 266 -8.43 1.88 31.08
C ASN B 266 -7.47 1.54 29.92
N SER B 267 -6.37 2.30 29.82
CA SER B 267 -5.42 2.10 28.72
C SER B 267 -4.09 1.52 29.21
N SER B 268 -3.63 0.48 28.53
CA SER B 268 -2.33 -0.11 28.83
C SER B 268 -1.23 0.44 27.90
N VAL B 269 -1.64 1.12 26.83
CA VAL B 269 -0.70 1.77 25.91
C VAL B 269 -0.54 3.27 26.21
N PRO B 270 0.57 3.87 25.76
CA PRO B 270 0.73 5.32 25.99
C PRO B 270 -0.40 6.13 25.35
N ILE B 271 -0.82 7.20 26.01
CA ILE B 271 -1.89 8.05 25.52
C ILE B 271 -1.39 9.46 25.23
N GLY B 272 -1.65 9.94 24.02
CA GLY B 272 -1.26 11.29 23.65
C GLY B 272 -2.45 12.22 23.39
N THR B 273 -2.19 13.53 23.43
CA THR B 273 -3.21 14.52 23.18
C THR B 273 -2.65 15.75 22.45
N VAL B 274 -3.55 16.60 21.94
CA VAL B 274 -3.18 17.95 21.51
C VAL B 274 -3.80 18.93 22.51
N PRO B 275 -3.03 19.34 23.52
CA PRO B 275 -3.46 20.26 24.59
C PRO B 275 -4.27 21.47 24.09
N ILE B 276 -3.87 22.06 22.97
CA ILE B 276 -4.56 23.24 22.45
C ILE B 276 -6.05 23.02 22.20
N TYR B 277 -6.43 21.78 21.87
CA TYR B 277 -7.85 21.47 21.67
C TYR B 277 -8.68 21.78 22.92
N GLN B 278 -8.20 21.33 24.07
CA GLN B 278 -8.89 21.53 25.34
C GLN B 278 -8.80 22.97 25.82
N ALA B 279 -7.63 23.57 25.64
CA ALA B 279 -7.45 24.97 26.01
C ALA B 279 -8.44 25.83 25.23
N LEU B 280 -8.57 25.54 23.95
CA LEU B 280 -9.49 26.28 23.09
C LEU B 280 -10.92 26.19 23.60
N GLU B 281 -11.28 25.04 24.18
CA GLU B 281 -12.64 24.87 24.71
C GLU B 281 -12.89 25.79 25.89
N LYS B 282 -11.85 26.01 26.68
CA LYS B 282 -11.94 26.90 27.83
C LYS B 282 -12.30 28.32 27.40
N VAL B 283 -11.79 28.74 26.23
CA VAL B 283 -12.16 30.04 25.68
C VAL B 283 -13.27 29.90 24.64
N ASN B 284 -14.12 28.89 24.86
CA ASN B 284 -15.33 28.70 24.06
C ASN B 284 -15.10 28.79 22.56
N GLY B 285 -14.03 28.19 22.09
CA GLY B 285 -13.78 28.05 20.66
C GLY B 285 -13.27 29.26 19.92
N VAL B 286 -12.86 30.31 20.64
CA VAL B 286 -12.37 31.52 19.97
C VAL B 286 -10.84 31.57 19.98
N ALA B 287 -10.24 31.27 18.83
CA ALA B 287 -8.79 31.10 18.75
C ALA B 287 -8.05 32.35 19.24
N GLU B 288 -8.59 33.52 18.90
CA GLU B 288 -7.94 34.79 19.21
C GLU B 288 -7.83 34.99 20.71
N ASP B 289 -8.79 34.41 21.42
CA ASP B 289 -8.88 34.58 22.86
C ASP B 289 -8.02 33.59 23.63
N LEU B 290 -7.35 32.70 22.91
CA LEU B 290 -6.39 31.81 23.55
C LEU B 290 -5.34 32.66 24.28
N ASN B 291 -4.76 32.07 25.31
CA ASN B 291 -3.69 32.73 26.04
C ASN B 291 -2.91 31.72 26.86
N TRP B 292 -1.72 32.13 27.30
CA TRP B 292 -0.84 31.25 28.05
C TRP B 292 -1.47 30.66 29.32
N GLU B 293 -2.22 31.48 30.05
CA GLU B 293 -2.81 31.02 31.30
C GLU B 293 -3.67 29.77 31.12
N VAL B 294 -4.61 29.81 30.18
CA VAL B 294 -5.49 28.66 29.97
C VAL B 294 -4.72 27.46 29.43
N PHE B 295 -3.70 27.72 28.63
CA PHE B 295 -2.89 26.63 28.08
C PHE B 295 -2.15 25.93 29.20
N ARG B 296 -1.46 26.72 30.01
CA ARG B 296 -0.72 26.21 31.15
C ARG B 296 -1.61 25.40 32.08
N ASP B 297 -2.81 25.91 32.36
CA ASP B 297 -3.73 25.18 33.22
C ASP B 297 -4.15 23.85 32.59
N THR B 298 -4.33 23.84 31.27
CA THR B 298 -4.66 22.59 30.57
C THR B 298 -3.51 21.60 30.72
N LEU B 299 -2.28 22.10 30.59
CA LEU B 299 -1.09 21.26 30.69
C LEU B 299 -1.05 20.54 32.03
N ILE B 300 -1.33 21.27 33.10
CA ILE B 300 -1.27 20.69 34.44
C ILE B 300 -2.33 19.63 34.64
N GLU B 301 -3.55 19.92 34.19
CA GLU B 301 -4.66 19.00 34.35
C GLU B 301 -4.36 17.69 33.63
N GLN B 302 -3.81 17.77 32.43
CA GLN B 302 -3.54 16.57 31.66
C GLN B 302 -2.32 15.85 32.21
N CYS B 303 -1.38 16.60 32.77
CA CYS B 303 -0.24 15.98 33.44
C CYS B 303 -0.65 15.10 34.64
N GLU B 304 -1.54 15.63 35.48
CA GLU B 304 -1.98 14.91 36.66
C GLU B 304 -2.88 13.74 36.27
N GLN B 305 -3.48 13.85 35.09
CA GLN B 305 -4.39 12.85 34.55
C GLN B 305 -3.64 11.62 34.03
N GLY B 306 -2.38 11.83 33.64
CA GLY B 306 -1.57 10.73 33.15
C GLY B 306 -1.24 10.72 31.65
N VAL B 307 -1.58 11.79 30.93
CA VAL B 307 -1.24 11.86 29.49
C VAL B 307 0.28 11.71 29.25
N ASP B 308 0.68 10.87 28.30
CA ASP B 308 2.08 10.46 28.16
C ASP B 308 2.90 11.34 27.23
N TYR B 309 2.24 11.94 26.26
CA TYR B 309 2.90 12.90 25.38
C TYR B 309 1.94 13.93 24.80
N PHE B 310 2.47 15.11 24.55
CA PHE B 310 1.71 16.25 24.10
C PHE B 310 2.18 16.66 22.73
N THR B 311 1.25 16.79 21.79
CA THR B 311 1.55 17.38 20.50
C THR B 311 1.50 18.89 20.66
N ILE B 312 2.63 19.54 20.41
CA ILE B 312 2.72 20.97 20.63
C ILE B 312 3.27 21.68 19.40
N HIS B 313 2.43 22.50 18.79
CA HIS B 313 2.73 23.14 17.50
C HIS B 313 3.48 24.44 17.70
N ALA B 314 4.63 24.35 18.37
CA ALA B 314 5.43 25.51 18.71
C ALA B 314 6.22 26.01 17.51
N GLY B 315 6.17 25.24 16.42
CA GLY B 315 6.96 25.53 15.23
C GLY B 315 6.24 26.37 14.19
N VAL B 316 4.96 26.65 14.45
CA VAL B 316 4.18 27.49 13.56
C VAL B 316 4.48 28.95 13.90
N ARG B 317 5.59 29.46 13.38
CA ARG B 317 6.00 30.81 13.71
C ARG B 317 5.33 31.82 12.78
N LEU B 318 5.22 33.06 13.26
CA LEU B 318 4.56 34.14 12.53
C LEU B 318 5.05 34.33 11.08
N PRO B 319 6.38 34.45 10.87
CA PRO B 319 6.94 34.66 9.53
C PRO B 319 6.79 33.48 8.56
N PHE B 320 6.41 32.30 9.06
CA PHE B 320 6.25 31.14 8.21
C PHE B 320 4.84 31.07 7.65
N ILE B 321 3.92 31.82 8.25
CA ILE B 321 2.52 31.67 7.90
C ILE B 321 2.21 32.21 6.50
N PRO B 322 2.79 33.35 6.12
CA PRO B 322 2.58 33.83 4.76
C PRO B 322 3.12 32.84 3.72
N MET B 323 4.08 32.01 4.12
CA MET B 323 4.68 31.05 3.19
C MET B 323 3.66 30.02 2.70
N THR B 324 2.53 29.93 3.39
CA THR B 324 1.51 28.94 3.04
C THR B 324 0.40 29.50 2.15
N ALA B 325 0.45 30.80 1.87
CA ALA B 325 -0.62 31.47 1.12
C ALA B 325 -0.74 30.97 -0.32
N LYS B 326 0.38 30.55 -0.89
CA LYS B 326 0.42 30.14 -2.29
C LYS B 326 0.14 28.65 -2.44
N ARG B 327 0.18 27.93 -1.33
CA ARG B 327 -0.09 26.49 -1.31
C ARG B 327 -1.42 26.11 -1.95
N VAL B 328 -1.46 24.91 -2.52
CA VAL B 328 -2.70 24.38 -3.07
C VAL B 328 -3.77 24.08 -1.99
N THR B 329 -3.35 23.53 -0.85
CA THR B 329 -4.31 23.19 0.22
C THR B 329 -4.04 23.89 1.56
N GLY B 330 -3.13 24.86 1.55
CA GLY B 330 -2.87 25.70 2.72
C GLY B 330 -2.43 24.96 3.97
N ILE B 331 -3.05 25.31 5.09
CA ILE B 331 -2.75 24.71 6.38
C ILE B 331 -3.82 23.67 6.73
N VAL B 332 -3.41 22.40 6.75
CA VAL B 332 -4.37 21.33 7.04
C VAL B 332 -4.35 20.85 8.50
N SER B 333 -3.27 21.13 9.23
CA SER B 333 -3.22 20.77 10.66
C SER B 333 -4.29 21.53 11.42
N ARG B 334 -5.01 20.85 12.32
CA ARG B 334 -6.04 21.54 13.09
C ARG B 334 -5.43 22.47 14.14
N GLY B 335 -4.50 21.93 14.94
CA GLY B 335 -3.80 22.71 15.94
C GLY B 335 -2.96 23.79 15.32
N GLY B 336 -2.36 23.48 14.18
CA GLY B 336 -1.57 24.46 13.45
C GLY B 336 -2.41 25.64 12.98
N SER B 337 -3.60 25.34 12.46
CA SER B 337 -4.52 26.39 11.99
C SER B 337 -5.01 27.26 13.13
N ILE B 338 -5.08 26.70 14.33
CA ILE B 338 -5.49 27.47 15.50
C ILE B 338 -4.41 28.47 15.91
N MET B 339 -3.16 28.01 15.97
CA MET B 339 -2.03 28.90 16.24
C MET B 339 -1.89 29.96 15.16
N ALA B 340 -2.14 29.58 13.91
CA ALA B 340 -2.04 30.53 12.81
C ALA B 340 -3.03 31.65 13.03
N LYS B 341 -4.27 31.27 13.34
CA LYS B 341 -5.33 32.25 13.61
C LYS B 341 -4.93 33.20 14.72
N TRP B 342 -4.28 32.67 15.75
CA TRP B 342 -3.88 33.49 16.89
C TRP B 342 -2.80 34.49 16.48
N CYS B 343 -1.75 34.01 15.82
CA CYS B 343 -0.64 34.87 15.42
C CYS B 343 -1.08 36.01 14.51
N LEU B 344 -1.93 35.70 13.55
CA LEU B 344 -2.41 36.70 12.60
C LEU B 344 -3.32 37.72 13.28
N ALA B 345 -4.17 37.24 14.17
CA ALA B 345 -5.07 38.14 14.90
C ALA B 345 -4.29 39.19 15.70
N HIS B 346 -3.24 38.77 16.39
CA HIS B 346 -2.48 39.65 17.28
C HIS B 346 -1.24 40.20 16.59
N HIS B 347 -1.01 39.72 15.38
CA HIS B 347 0.27 39.92 14.69
C HIS B 347 1.46 39.80 15.65
N LYS B 348 1.47 38.70 16.41
CA LYS B 348 2.56 38.42 17.34
C LYS B 348 3.12 37.02 17.11
N GLU B 349 4.33 36.80 17.61
CA GLU B 349 4.97 35.49 17.53
C GLU B 349 4.17 34.43 18.32
N ASN B 350 4.13 33.22 17.77
CA ASN B 350 3.54 32.05 18.43
C ASN B 350 3.87 31.97 19.93
N PHE B 351 2.87 32.13 20.78
CA PHE B 351 3.13 32.17 22.23
C PHE B 351 3.61 30.81 22.78
N LEU B 352 3.31 29.74 22.07
CA LEU B 352 3.84 28.43 22.43
C LEU B 352 5.35 28.36 22.15
N TYR B 353 5.79 29.06 21.11
CA TYR B 353 7.21 29.18 20.83
C TYR B 353 7.89 30.13 21.84
N GLU B 354 7.15 31.18 22.22
CA GLU B 354 7.65 32.19 23.16
C GLU B 354 7.76 31.66 24.59
N ARG B 355 6.81 30.82 24.99
CA ARG B 355 6.80 30.27 26.34
C ARG B 355 7.43 28.87 26.40
N PHE B 356 8.15 28.48 25.35
CA PHE B 356 8.65 27.11 25.25
C PHE B 356 9.40 26.60 26.49
N ASP B 357 10.13 27.50 27.17
CA ASP B 357 10.88 27.11 28.35
C ASP B 357 9.97 26.78 29.53
N GLU B 358 8.86 27.49 29.63
CA GLU B 358 7.93 27.29 30.73
C GLU B 358 7.08 26.05 30.50
N ILE B 359 6.89 25.68 29.24
CA ILE B 359 6.27 24.41 28.91
C ILE B 359 7.16 23.25 29.38
N CYS B 360 8.44 23.35 29.08
CA CYS B 360 9.41 22.33 29.48
C CYS B 360 9.44 22.12 30.99
N GLU B 361 9.37 23.22 31.74
CA GLU B 361 9.44 23.19 33.20
C GLU B 361 8.28 22.44 33.82
N ILE B 362 7.12 22.51 33.18
CA ILE B 362 5.95 21.77 33.63
C ILE B 362 6.04 20.27 33.30
N MET B 363 6.23 19.94 32.02
CA MET B 363 6.24 18.57 31.54
C MET B 363 7.29 17.69 32.23
N ARG B 364 8.44 18.28 32.54
CA ARG B 364 9.53 17.53 33.15
C ARG B 364 9.21 17.11 34.59
N ALA B 365 8.22 17.76 35.19
CA ALA B 365 7.84 17.45 36.57
C ALA B 365 7.05 16.14 36.64
N TYR B 366 6.58 15.67 35.49
CA TYR B 366 5.73 14.48 35.42
C TYR B 366 6.24 13.46 34.40
N ASP B 367 7.38 13.77 33.78
CA ASP B 367 7.91 13.02 32.64
C ASP B 367 6.90 12.82 31.49
N VAL B 368 6.36 13.93 31.01
CA VAL B 368 5.58 13.92 29.77
C VAL B 368 6.54 14.22 28.60
N SER B 369 6.36 13.51 27.48
CA SER B 369 7.20 13.67 26.29
C SER B 369 6.64 14.67 25.29
N PHE B 370 7.53 15.29 24.52
CA PHE B 370 7.16 16.19 23.41
C PHE B 370 6.92 15.43 22.12
N SER B 371 5.80 15.72 21.48
CA SER B 371 5.61 15.38 20.09
C SER B 371 5.52 16.72 19.35
N LEU B 372 6.68 17.20 18.90
CA LEU B 372 6.76 18.51 18.27
C LEU B 372 5.97 18.49 16.95
N GLY B 373 4.92 19.32 16.91
CA GLY B 373 3.86 19.23 15.93
C GLY B 373 4.21 19.65 14.52
N ASP B 374 3.55 19.02 13.56
CA ASP B 374 3.73 19.28 12.14
C ASP B 374 2.59 20.17 11.69
N GLY B 375 2.52 21.37 12.27
CA GLY B 375 1.47 22.33 11.96
C GLY B 375 1.46 22.75 10.50
N LEU B 376 2.63 22.74 9.87
CA LEU B 376 2.74 23.18 8.47
C LEU B 376 3.00 22.00 7.53
N ARG B 377 2.45 20.84 7.86
CA ARG B 377 2.63 19.68 7.00
C ARG B 377 1.85 19.88 5.71
N PRO B 378 2.30 19.23 4.62
CA PRO B 378 1.59 19.38 3.35
C PRO B 378 0.28 18.58 3.32
N GLY B 379 -0.77 19.18 2.76
CA GLY B 379 -2.05 18.50 2.66
C GLY B 379 -2.38 18.04 1.24
N SER B 380 -1.41 18.16 0.35
CA SER B 380 -1.52 17.75 -1.05
C SER B 380 -0.10 17.49 -1.51
N THR B 381 0.07 16.60 -2.50
CA THR B 381 1.41 16.28 -2.97
C THR B 381 2.11 17.49 -3.58
N ALA B 382 1.34 18.38 -4.20
CA ALA B 382 1.90 19.60 -4.76
C ALA B 382 2.60 20.47 -3.71
N ASP B 383 2.20 20.33 -2.46
CA ASP B 383 2.72 21.20 -1.39
C ASP B 383 3.95 20.65 -0.70
N ALA B 384 4.34 19.42 -1.06
CA ALA B 384 5.31 18.70 -0.26
C ALA B 384 6.73 19.27 -0.28
N ASN B 385 7.41 19.22 0.86
CA ASN B 385 8.82 19.61 0.93
C ASN B 385 9.05 21.06 0.54
N ASP B 386 8.04 21.89 0.76
CA ASP B 386 8.16 23.31 0.41
C ASP B 386 8.75 24.11 1.55
N GLU B 387 8.96 25.40 1.31
CA GLU B 387 9.67 26.24 2.26
C GLU B 387 9.03 26.24 3.65
N ALA B 388 7.70 26.36 3.67
CA ALA B 388 6.96 26.39 4.93
C ALA B 388 7.18 25.11 5.73
N GLN B 389 6.98 23.95 5.09
CA GLN B 389 7.18 22.69 5.78
C GLN B 389 8.59 22.58 6.35
N PHE B 390 9.59 22.87 5.52
CA PHE B 390 10.99 22.76 5.95
C PHE B 390 11.39 23.87 6.93
N SER B 391 10.73 25.02 6.87
CA SER B 391 11.08 26.07 7.82
C SER B 391 10.69 25.59 9.21
N GLU B 392 9.47 25.10 9.34
CA GLU B 392 9.04 24.53 10.61
C GLU B 392 9.99 23.41 11.08
N LEU B 393 10.37 22.50 10.19
CA LEU B 393 11.18 21.33 10.57
C LEU B 393 12.51 21.73 11.23
N ARG B 394 13.20 22.70 10.63
CA ARG B 394 14.47 23.16 11.15
C ARG B 394 14.28 23.87 12.49
N THR B 395 13.12 24.52 12.67
CA THR B 395 12.78 25.13 13.95
C THR B 395 12.56 24.05 15.02
N LEU B 396 11.91 22.96 14.64
CA LEU B 396 11.71 21.83 15.53
C LEU B 396 13.05 21.27 16.01
N GLY B 397 14.04 21.22 15.13
CA GLY B 397 15.38 20.83 15.51
C GLY B 397 15.95 21.72 16.61
N GLU B 398 15.72 23.02 16.47
CA GLU B 398 16.17 23.98 17.48
C GLU B 398 15.45 23.78 18.81
N LEU B 399 14.13 23.60 18.73
CA LEU B 399 13.32 23.41 19.93
C LEU B 399 13.64 22.08 20.60
N THR B 400 14.13 21.12 19.81
CA THR B 400 14.54 19.83 20.33
C THR B 400 15.65 19.99 21.36
N LYS B 401 16.66 20.78 21.02
CA LYS B 401 17.78 21.01 21.92
C LYS B 401 17.39 21.75 23.21
N VAL B 402 16.47 22.70 23.11
CA VAL B 402 15.96 23.34 24.31
C VAL B 402 15.28 22.32 25.21
N ALA B 403 14.50 21.43 24.63
CA ALA B 403 13.80 20.40 25.41
C ALA B 403 14.82 19.50 26.11
N TRP B 404 15.84 19.07 25.38
CA TRP B 404 16.88 18.24 25.99
C TRP B 404 17.52 18.94 27.18
N LYS B 405 17.80 20.24 27.04
CA LYS B 405 18.36 21.04 28.12
C LYS B 405 17.58 20.88 29.43
N HIS B 406 16.26 20.92 29.35
CA HIS B 406 15.43 20.70 30.53
C HIS B 406 15.23 19.22 30.84
N GLY B 407 15.82 18.34 30.04
CA GLY B 407 15.69 16.92 30.26
C GLY B 407 14.34 16.32 29.84
N VAL B 408 13.67 16.95 28.88
CA VAL B 408 12.39 16.44 28.39
C VAL B 408 12.59 15.57 27.15
N GLN B 409 11.88 14.44 27.09
CA GLN B 409 11.98 13.53 25.95
C GLN B 409 11.29 14.10 24.72
N VAL B 410 11.86 13.86 23.55
CA VAL B 410 11.36 14.47 22.32
C VAL B 410 11.22 13.51 21.14
N MET B 411 10.09 13.59 20.44
CA MET B 411 10.00 13.07 19.08
C MET B 411 9.44 14.13 18.13
N ILE B 412 9.76 14.01 16.85
CA ILE B 412 9.39 15.00 15.84
C ILE B 412 8.29 14.47 14.94
N GLU B 413 7.30 15.30 14.65
CA GLU B 413 6.20 14.91 13.78
C GLU B 413 6.50 15.33 12.34
N GLY B 414 6.06 14.54 11.38
CA GLY B 414 6.33 14.82 9.97
C GLY B 414 5.08 14.97 9.11
N PRO B 415 5.23 14.79 7.79
CA PRO B 415 4.10 14.84 6.85
C PRO B 415 3.30 13.53 6.88
N GLY B 416 2.15 13.47 6.22
CA GLY B 416 1.67 14.49 5.31
C GLY B 416 1.33 13.84 3.98
N HIS B 417 1.25 14.65 2.92
CA HIS B 417 1.08 14.15 1.56
C HIS B 417 2.39 14.33 0.80
N VAL B 418 2.99 13.24 0.34
CA VAL B 418 4.26 13.31 -0.34
C VAL B 418 4.40 12.29 -1.46
N ALA B 419 4.65 12.74 -2.68
CA ALA B 419 4.89 11.80 -3.79
C ALA B 419 6.15 10.98 -3.46
N MET B 420 6.27 9.78 -4.04
CA MET B 420 7.30 8.82 -3.58
C MET B 420 8.73 9.35 -3.70
N HIS B 421 9.01 10.10 -4.78
CA HIS B 421 10.37 10.55 -5.03
C HIS B 421 10.84 11.63 -4.04
N LYS B 422 9.94 12.13 -3.20
CA LYS B 422 10.29 13.15 -2.22
C LYS B 422 10.39 12.64 -0.79
N ILE B 423 10.26 11.33 -0.63
CA ILE B 423 10.15 10.74 0.72
C ILE B 423 11.51 10.62 1.42
N LYS B 424 12.52 10.13 0.71
CA LYS B 424 13.87 10.03 1.25
C LYS B 424 14.34 11.41 1.70
N ALA B 425 14.00 12.43 0.93
CA ALA B 425 14.42 13.80 1.20
C ALA B 425 13.87 14.30 2.54
N ASN B 426 12.64 13.90 2.86
CA ASN B 426 12.10 14.16 4.20
C ASN B 426 12.92 13.56 5.31
N MET B 427 13.28 12.30 5.16
CA MET B 427 14.08 11.62 6.17
C MET B 427 15.47 12.26 6.31
N ASP B 428 16.08 12.61 5.18
CA ASP B 428 17.40 13.23 5.16
C ASP B 428 17.43 14.56 5.91
N GLU B 429 16.40 15.38 5.67
CA GLU B 429 16.27 16.68 6.34
C GLU B 429 16.06 16.52 7.84
N GLN B 430 15.12 15.65 8.20
CA GLN B 430 14.78 15.44 9.60
C GLN B 430 16.00 14.98 10.38
N LEU B 431 16.73 14.01 9.83
CA LEU B 431 17.88 13.42 10.50
C LEU B 431 18.97 14.44 10.77
N LYS B 432 19.27 15.22 9.74
CA LYS B 432 20.25 16.30 9.84
C LYS B 432 19.81 17.39 10.83
N HIS B 433 18.62 17.95 10.61
CA HIS B 433 18.17 19.12 11.34
C HIS B 433 17.64 18.87 12.76
N CYS B 434 17.25 17.63 13.06
CA CYS B 434 16.68 17.31 14.37
C CYS B 434 17.51 16.33 15.20
N HIS B 435 18.76 16.14 14.82
CA HIS B 435 19.73 15.45 15.67
C HIS B 435 19.36 14.02 15.99
N GLU B 436 18.71 13.35 15.02
CA GLU B 436 18.41 11.93 15.12
C GLU B 436 17.32 11.59 16.13
N ALA B 437 16.58 12.60 16.59
CA ALA B 437 15.41 12.36 17.42
C ALA B 437 14.36 11.59 16.62
N PRO B 438 13.56 10.75 17.30
CA PRO B 438 12.60 9.88 16.60
C PRO B 438 11.63 10.69 15.75
N PHE B 439 11.24 10.13 14.60
CA PHE B 439 10.36 10.81 13.67
C PHE B 439 9.02 10.08 13.65
N TYR B 440 7.94 10.86 13.56
CA TYR B 440 6.58 10.38 13.73
C TYR B 440 5.70 10.92 12.60
N THR B 441 5.36 10.07 11.63
CA THR B 441 4.67 10.52 10.42
C THR B 441 3.19 10.12 10.32
N LEU B 442 2.43 10.94 9.62
CA LEU B 442 1.05 10.64 9.26
C LEU B 442 1.02 10.21 7.79
N GLY B 443 1.13 8.92 7.54
CA GLY B 443 1.33 8.44 6.17
C GLY B 443 2.83 8.37 5.93
N PRO B 444 3.31 9.03 4.87
CA PRO B 444 2.58 9.94 3.98
C PRO B 444 1.76 9.30 2.87
N LEU B 445 0.71 10.02 2.45
CA LEU B 445 -0.06 9.67 1.26
C LEU B 445 0.72 10.00 0.02
N THR B 446 0.82 9.04 -0.90
CA THR B 446 1.67 9.17 -2.07
C THR B 446 0.91 9.69 -3.28
N THR B 447 -0.39 9.87 -3.12
CA THR B 447 -1.22 10.47 -4.17
C THR B 447 -2.54 10.97 -3.58
N ASP B 448 -3.11 11.99 -4.21
CA ASP B 448 -4.33 12.64 -3.73
C ASP B 448 -5.64 12.13 -4.37
N ILE B 449 -5.55 11.15 -5.26
CA ILE B 449 -6.69 10.85 -6.14
C ILE B 449 -7.59 9.69 -5.73
N ALA B 450 -7.38 9.12 -4.55
CA ALA B 450 -8.13 7.93 -4.16
C ALA B 450 -8.82 8.05 -2.79
N PRO B 451 -9.77 9.00 -2.67
CA PRO B 451 -10.56 9.08 -1.44
C PRO B 451 -11.37 7.80 -1.25
N GLY B 452 -11.35 7.24 -0.05
CA GLY B 452 -12.01 5.97 0.23
C GLY B 452 -10.97 4.89 0.39
N TYR B 453 -9.76 5.16 -0.10
CA TYR B 453 -8.69 4.19 -0.09
C TYR B 453 -7.41 4.81 0.44
N ASP B 454 -7.55 5.84 1.27
CA ASP B 454 -6.37 6.55 1.74
C ASP B 454 -5.50 5.74 2.69
N HIS B 455 -6.09 4.73 3.32
CA HIS B 455 -5.27 3.82 4.10
C HIS B 455 -4.24 3.18 3.18
N ILE B 456 -4.62 2.97 1.91
CA ILE B 456 -3.72 2.30 0.98
C ILE B 456 -2.67 3.22 0.36
N THR B 457 -3.10 4.39 -0.12
CA THR B 457 -2.16 5.37 -0.64
C THR B 457 -1.11 5.72 0.42
N SER B 458 -1.51 5.75 1.69
CA SER B 458 -0.60 6.11 2.78
C SER B 458 0.23 4.91 3.24
N ALA B 459 -0.29 3.70 3.06
CA ALA B 459 0.48 2.51 3.44
C ALA B 459 1.77 2.45 2.63
N ILE B 460 1.69 2.75 1.34
CA ILE B 460 2.88 2.82 0.50
C ILE B 460 3.93 3.80 1.08
N GLY B 461 3.51 5.04 1.34
CA GLY B 461 4.42 6.04 1.89
C GLY B 461 4.91 5.66 3.27
N ALA B 462 4.04 5.07 4.07
CA ALA B 462 4.37 4.68 5.44
C ALA B 462 5.43 3.58 5.49
N ALA B 463 5.25 2.53 4.69
CA ALA B 463 6.21 1.45 4.61
C ALA B 463 7.58 1.97 4.21
N MET B 464 7.61 2.86 3.22
CA MET B 464 8.89 3.34 2.71
C MET B 464 9.60 4.24 3.71
N ILE B 465 8.86 5.19 4.28
CA ILE B 465 9.53 6.13 5.18
C ILE B 465 9.93 5.44 6.49
N GLY B 466 9.20 4.39 6.84
CA GLY B 466 9.59 3.56 7.98
C GLY B 466 10.90 2.88 7.67
N TRP B 467 11.04 2.40 6.45
CA TRP B 467 12.26 1.74 5.99
C TRP B 467 13.45 2.71 6.12
N PHE B 468 13.21 3.96 5.72
CA PHE B 468 14.24 4.99 5.74
C PHE B 468 14.62 5.43 7.14
N GLY B 469 13.79 5.06 8.13
CA GLY B 469 14.15 5.30 9.52
C GLY B 469 13.11 5.94 10.42
N THR B 470 11.89 6.10 9.93
CA THR B 470 10.84 6.68 10.77
C THR B 470 10.45 5.72 11.91
N ALA B 471 10.32 6.28 13.12
CA ALA B 471 10.18 5.48 14.34
C ALA B 471 8.74 5.11 14.64
N MET B 472 7.81 5.98 14.27
CA MET B 472 6.39 5.70 14.48
C MET B 472 5.50 6.26 13.36
N LEU B 473 4.48 5.49 13.01
CA LEU B 473 3.56 5.85 11.94
C LEU B 473 2.14 6.08 12.47
N CYS B 474 1.62 7.28 12.32
CA CYS B 474 0.22 7.51 12.68
C CYS B 474 -0.65 6.99 11.53
N TYR B 475 -1.65 6.17 11.86
CA TYR B 475 -2.40 5.46 10.84
C TYR B 475 -3.42 6.36 10.12
N VAL B 476 -4.04 5.78 9.09
CA VAL B 476 -5.08 6.44 8.30
C VAL B 476 -6.15 5.40 7.97
N THR B 477 -7.42 5.75 8.12
CA THR B 477 -8.50 4.81 7.83
C THR B 477 -9.09 5.08 6.45
N PRO B 478 -9.91 4.15 5.94
CA PRO B 478 -10.56 4.42 4.65
C PRO B 478 -11.49 5.64 4.71
N LYS B 479 -11.92 6.05 5.91
CA LYS B 479 -12.80 7.21 6.06
C LYS B 479 -12.09 8.56 5.95
N GLU B 480 -10.78 8.53 5.75
CA GLU B 480 -9.99 9.76 5.72
C GLU B 480 -10.49 10.76 4.64
N HIS B 481 -10.66 12.02 5.04
CA HIS B 481 -11.13 13.09 4.15
C HIS B 481 -12.64 13.04 3.87
N LEU B 482 -13.36 12.12 4.50
CA LEU B 482 -14.77 11.93 4.13
C LEU B 482 -15.74 11.85 5.30
N GLY B 483 -15.39 11.05 6.30
CA GLY B 483 -16.27 10.88 7.44
C GLY B 483 -15.57 10.39 8.69
N LEU B 484 -16.37 10.02 9.68
CA LEU B 484 -15.86 9.48 10.94
C LEU B 484 -15.78 7.97 10.87
N PRO B 485 -14.63 7.42 11.27
CA PRO B 485 -14.33 5.98 11.25
C PRO B 485 -15.18 5.24 12.26
N ASP B 486 -15.81 4.14 11.86
CA ASP B 486 -16.43 3.21 12.82
C ASP B 486 -15.42 2.14 13.23
N ARG B 487 -15.79 1.24 14.12
CA ARG B 487 -14.82 0.28 14.64
C ARG B 487 -14.23 -0.61 13.56
N ASP B 488 -14.96 -0.78 12.46
CA ASP B 488 -14.47 -1.55 11.32
C ASP B 488 -13.39 -0.80 10.56
N ASP B 489 -13.55 0.51 10.45
CA ASP B 489 -12.57 1.36 9.78
C ASP B 489 -11.29 1.44 10.60
N VAL B 490 -11.46 1.52 11.92
CA VAL B 490 -10.34 1.51 12.85
C VAL B 490 -9.50 0.25 12.67
N LYS B 491 -10.15 -0.91 12.61
CA LYS B 491 -9.43 -2.16 12.49
C LYS B 491 -8.65 -2.21 11.18
N THR B 492 -9.29 -1.80 10.10
CA THR B 492 -8.65 -1.74 8.79
C THR B 492 -7.39 -0.86 8.81
N GLY B 493 -7.52 0.33 9.36
CA GLY B 493 -6.37 1.22 9.54
C GLY B 493 -5.25 0.54 10.32
N VAL B 494 -5.60 -0.09 11.43
CA VAL B 494 -4.59 -0.74 12.29
C VAL B 494 -3.86 -1.92 11.61
N ILE B 495 -4.61 -2.77 10.92
CA ILE B 495 -4.02 -3.91 10.24
C ILE B 495 -3.11 -3.44 9.12
N THR B 496 -3.59 -2.47 8.34
CA THR B 496 -2.82 -1.88 7.25
C THR B 496 -1.49 -1.35 7.78
N TYR B 497 -1.54 -0.69 8.94
CA TYR B 497 -0.33 -0.08 9.47
C TYR B 497 0.61 -1.04 10.17
N LYS B 498 0.06 -2.09 10.77
CA LYS B 498 0.89 -3.15 11.33
C LYS B 498 1.67 -3.84 10.21
N LEU B 499 1.01 -4.04 9.08
CA LEU B 499 1.69 -4.70 7.96
C LEU B 499 2.70 -3.77 7.25
N ALA B 500 2.42 -2.47 7.24
CA ALA B 500 3.39 -1.51 6.74
C ALA B 500 4.61 -1.41 7.69
N ALA B 501 4.34 -1.29 8.98
CA ALA B 501 5.40 -1.29 9.99
C ALA B 501 6.30 -2.52 9.86
N HIS B 502 5.69 -3.68 9.63
CA HIS B 502 6.44 -4.93 9.58
C HIS B 502 7.21 -5.06 8.27
N ALA B 503 6.59 -4.63 7.18
CA ALA B 503 7.30 -4.62 5.92
C ALA B 503 8.58 -3.79 6.08
N ALA B 504 8.48 -2.69 6.83
CA ALA B 504 9.64 -1.83 7.07
C ALA B 504 10.72 -2.54 7.92
N ASP B 505 10.32 -3.12 9.05
CA ASP B 505 11.21 -3.94 9.88
C ASP B 505 11.94 -4.99 9.06
N LEU B 506 11.22 -5.65 8.17
CA LEU B 506 11.78 -6.71 7.35
C LEU B 506 12.82 -6.18 6.36
N ALA B 507 12.47 -5.11 5.66
CA ALA B 507 13.40 -4.48 4.71
C ALA B 507 14.66 -3.93 5.40
N LYS B 508 14.52 -3.53 6.66
CA LYS B 508 15.65 -3.01 7.43
C LYS B 508 16.56 -4.15 7.90
N GLY B 509 16.06 -5.37 7.79
CA GLY B 509 16.83 -6.51 8.25
C GLY B 509 16.82 -6.64 9.76
N HIS B 510 15.77 -6.10 10.40
CA HIS B 510 15.60 -6.23 11.82
C HIS B 510 15.66 -7.71 12.22
N PRO B 511 16.43 -8.02 13.27
CA PRO B 511 16.75 -9.44 13.57
C PRO B 511 15.54 -10.32 13.89
N GLY B 512 14.42 -9.72 14.30
CA GLY B 512 13.26 -10.51 14.67
C GLY B 512 12.18 -10.62 13.60
N ALA B 513 12.37 -9.97 12.47
CA ALA B 513 11.31 -9.84 11.47
C ALA B 513 11.09 -11.09 10.60
N ALA B 514 12.18 -11.69 10.12
CA ALA B 514 12.07 -12.77 9.15
C ALA B 514 11.47 -14.06 9.72
N MET B 515 11.59 -14.28 11.03
CA MET B 515 11.06 -15.51 11.65
C MET B 515 9.55 -15.62 11.48
N TRP B 516 8.89 -14.49 11.46
CA TRP B 516 7.44 -14.46 11.36
C TRP B 516 7.04 -14.82 9.93
N ASP B 517 7.59 -14.10 8.94
CA ASP B 517 7.30 -14.39 7.53
C ASP B 517 7.63 -15.82 7.13
N ASP B 518 8.74 -16.32 7.65
CA ASP B 518 9.18 -17.66 7.27
C ASP B 518 8.28 -18.73 7.86
N ALA B 519 7.89 -18.55 9.11
CA ALA B 519 6.92 -19.42 9.76
C ALA B 519 5.65 -19.53 8.94
N ILE B 520 5.07 -18.38 8.57
CA ILE B 520 3.82 -18.41 7.81
C ILE B 520 4.00 -19.03 6.41
N SER B 521 5.14 -18.74 5.77
CA SER B 521 5.46 -19.33 4.47
C SER B 521 5.58 -20.86 4.49
N ARG B 522 6.23 -21.38 5.53
CA ARG B 522 6.30 -22.83 5.72
C ARG B 522 4.91 -23.43 5.86
N ALA B 523 4.04 -22.76 6.60
CA ALA B 523 2.67 -23.24 6.78
C ALA B 523 1.98 -23.30 5.43
N ARG B 524 2.10 -22.21 4.68
CA ARG B 524 1.60 -22.12 3.31
C ARG B 524 2.15 -23.28 2.46
N PHE B 525 3.47 -23.45 2.45
CA PHE B 525 4.12 -24.53 1.69
C PHE B 525 3.64 -25.93 2.02
N GLU B 526 3.35 -26.18 3.29
CA GLU B 526 2.93 -27.51 3.75
C GLU B 526 1.42 -27.70 3.77
N PHE B 527 0.68 -26.67 3.35
CA PHE B 527 -0.78 -26.72 3.37
C PHE B 527 -1.32 -26.84 4.79
N ARG B 528 -0.57 -26.31 5.76
CA ARG B 528 -1.04 -26.23 7.14
C ARG B 528 -1.91 -24.97 7.24
N TRP B 529 -3.15 -25.11 6.77
CA TRP B 529 -4.03 -23.96 6.56
C TRP B 529 -4.29 -23.18 7.82
N GLU B 530 -4.69 -23.88 8.88
CA GLU B 530 -5.08 -23.25 10.13
C GLU B 530 -3.92 -22.52 10.77
N ASP B 531 -2.72 -23.05 10.60
CA ASP B 531 -1.52 -22.36 11.10
C ASP B 531 -1.30 -21.08 10.31
N GLN B 532 -1.64 -21.11 9.03
CA GLN B 532 -1.48 -19.91 8.21
C GLN B 532 -2.42 -18.84 8.74
N PHE B 533 -3.67 -19.20 8.98
CA PHE B 533 -4.61 -18.22 9.49
C PHE B 533 -4.14 -17.68 10.85
N ASN B 534 -3.72 -18.56 11.75
CA ASN B 534 -3.39 -18.15 13.12
C ASN B 534 -2.14 -17.29 13.24
N LEU B 535 -1.27 -17.38 12.23
CA LEU B 535 -0.05 -16.60 12.17
C LEU B 535 -0.23 -15.28 11.42
N GLY B 536 -1.44 -15.03 10.92
CA GLY B 536 -1.71 -13.80 10.21
C GLY B 536 -2.09 -12.69 11.16
N LEU B 537 -1.99 -11.45 10.70
CA LEU B 537 -2.37 -10.30 11.50
C LEU B 537 -3.86 -10.33 11.84
N ASP B 538 -4.67 -10.94 10.98
CA ASP B 538 -6.11 -11.03 11.22
C ASP B 538 -6.65 -12.43 10.86
N PRO B 539 -6.48 -13.40 11.78
CA PRO B 539 -6.80 -14.82 11.55
C PRO B 539 -8.25 -15.09 11.18
N GLU B 540 -9.20 -14.48 11.87
CA GLU B 540 -10.60 -14.78 11.63
C GLU B 540 -11.08 -14.32 10.24
N THR B 541 -10.48 -13.24 9.73
CA THR B 541 -10.82 -12.79 8.38
C THR B 541 -10.24 -13.73 7.32
N ALA B 542 -8.98 -14.11 7.50
CA ALA B 542 -8.34 -15.04 6.56
C ALA B 542 -9.11 -16.34 6.53
N ARG B 543 -9.51 -16.83 7.70
CA ARG B 543 -10.21 -18.10 7.81
C ARG B 543 -11.54 -18.03 7.08
N LYS B 544 -12.25 -16.93 7.30
CA LYS B 544 -13.55 -16.73 6.65
C LYS B 544 -13.43 -16.68 5.13
N PHE B 545 -12.41 -15.97 4.65
CA PHE B 545 -12.20 -15.81 3.21
C PHE B 545 -11.86 -17.13 2.54
N HIS B 546 -11.21 -18.01 3.30
CA HIS B 546 -10.72 -19.27 2.75
C HIS B 546 -11.87 -20.19 2.41
N ASP B 547 -11.82 -20.71 1.19
CA ASP B 547 -12.80 -21.65 0.69
C ASP B 547 -12.22 -23.05 0.70
N GLU B 548 -12.53 -23.80 1.75
CA GLU B 548 -12.08 -25.17 1.94
C GLU B 548 -12.15 -26.00 0.65
#